data_2GKS
#
_entry.id   2GKS
#
_cell.length_a   82.228
_cell.length_b   67.283
_cell.length_c   108.728
_cell.angle_alpha   90.00
_cell.angle_beta   105.43
_cell.angle_gamma   90.00
#
_symmetry.space_group_name_H-M   'P 1 21 1'
#
loop_
_entity.id
_entity.type
_entity.pdbx_description
1 polymer 'Bifunctional SAT/APS kinase'
2 non-polymer "ADENOSINE-5'-DIPHOSPHATE"
3 water water
#
_entity_poly.entity_id   1
_entity_poly.type   'polypeptide(L)'
_entity_poly.pdbx_seq_one_letter_code
;MEKIKYLKSIQISQRSVLDLELLAVGAFTPLDRFMGEEDYRNVVESMRLKSGTLFPIPITLPMEKEIAKDLKEGEWIVLR
DPKNVPLAIMRVEEVYKWNLEYEAKNVLGTTDPRHPLVAEMHTWGEYYISGELKVIQLPKYYDFPEYRKTPKQVREEIKS
LGLDKIVAFQTRNPMHRVHEELTKRAMEKVGGGLLLHPVVGLTKPGDVDVYTRMRIYKVLYEKYYDKKKTILAFLPLAMR
MAGPREALWHGIIRRNYGATHFIVGRDHASPGKDSKGKPFYDPYEAQELFKKYEDEIGIKMVPFEELVYVPELDQYVEIN
EAKKRNLKYINISGTEIRENFLKQGRKLPEWFTRPEVAEILAETYVPKHKQGFCVWLTGLPCAGKSTIAEILATMLQARG
RKVTLLDGDVVRTHLSRGLGFSKEDRITNILRVGFVASEIVKHNGVVICALVSPYRSARNQVRNMMEEGKFIEVFVDAPV
EVCEERDVKGLYKKAKEGLIKGFTGVDDPYEPPVAPEVRVDTTKLTPEESALKILEFLKKEGFIKD
;
_entity_poly.pdbx_strand_id   A,B
#
loop_
_chem_comp.id
_chem_comp.type
_chem_comp.name
_chem_comp.formula
ADP non-polymer ADENOSINE-5'-DIPHOSPHATE 'C10 H15 N5 O10 P2'
#
# COMPACT_ATOMS: atom_id res chain seq x y z
N ILE A 4 3.69 0.31 45.22
CA ILE A 4 3.65 1.45 44.26
C ILE A 4 2.22 1.87 43.95
N LYS A 5 1.26 1.11 44.47
CA LYS A 5 -0.16 1.36 44.28
C LYS A 5 -0.69 2.51 45.15
N TYR A 6 0.10 2.92 46.15
CA TYR A 6 -0.26 4.07 46.97
C TYR A 6 0.31 5.37 46.39
N LEU A 7 1.29 5.22 45.49
CA LEU A 7 2.02 6.35 44.92
C LEU A 7 1.33 7.00 43.73
N LYS A 8 1.58 8.30 43.54
CA LYS A 8 1.28 9.01 42.30
C LYS A 8 2.12 8.48 41.14
N SER A 9 1.50 8.39 39.97
CA SER A 9 2.16 7.98 38.75
C SER A 9 2.17 9.14 37.78
N ILE A 10 3.24 9.21 36.97
CA ILE A 10 3.29 10.17 35.88
C ILE A 10 3.84 9.49 34.63
N GLN A 11 3.30 9.87 33.49
CA GLN A 11 3.82 9.40 32.21
C GLN A 11 4.90 10.32 31.72
N ILE A 12 6.07 9.75 31.43
CA ILE A 12 7.19 10.51 30.92
C ILE A 12 7.26 10.40 29.38
N SER A 13 8.04 11.29 28.76
CA SER A 13 8.17 11.30 27.30
C SER A 13 9.09 10.17 26.82
N GLN A 14 9.05 9.90 25.51
CA GLN A 14 9.99 8.99 24.87
C GLN A 14 11.44 9.41 25.12
N ARG A 15 11.75 10.70 24.92
CA ARG A 15 13.07 11.24 25.25
C ARG A 15 13.51 10.89 26.69
N SER A 16 12.64 11.14 27.66
CA SER A 16 12.94 10.88 29.08
C SER A 16 13.04 9.40 29.41
N VAL A 17 12.24 8.56 28.76
CA VAL A 17 12.41 7.09 28.86
C VAL A 17 13.84 6.67 28.48
N LEU A 18 14.35 7.25 27.40
CA LEU A 18 15.67 6.93 26.87
C LEU A 18 16.76 7.47 27.78
N ASP A 19 16.59 8.70 28.29
CA ASP A 19 17.53 9.29 29.26
C ASP A 19 17.55 8.42 30.51
N LEU A 20 16.37 7.95 30.94
CA LEU A 20 16.26 7.11 32.14
C LEU A 20 16.94 5.76 31.96
N GLU A 21 16.74 5.15 30.79
CA GLU A 21 17.40 3.90 30.44
C GLU A 21 18.92 4.07 30.56
N LEU A 22 19.46 5.11 29.93
CA LEU A 22 20.89 5.32 29.89
C LEU A 22 21.48 5.72 31.25
N LEU A 23 20.68 6.44 32.05
CA LEU A 23 21.04 6.69 33.45
C LEU A 23 21.11 5.40 34.23
N ALA A 24 20.12 4.54 34.03
CA ALA A 24 20.03 3.30 34.77
C ALA A 24 21.16 2.27 34.48
N VAL A 25 21.63 2.19 33.23
CA VAL A 25 22.71 1.23 32.88
C VAL A 25 24.12 1.80 33.04
N GLY A 26 24.21 3.05 33.48
CA GLY A 26 25.49 3.68 33.80
C GLY A 26 26.16 4.29 32.59
N ALA A 27 25.39 4.52 31.52
CA ALA A 27 25.93 5.13 30.30
C ALA A 27 26.33 6.59 30.54
N PHE A 28 25.62 7.25 31.47
CA PHE A 28 25.93 8.64 31.84
C PHE A 28 26.78 8.79 33.09
N THR A 29 27.40 7.70 33.57
CA THR A 29 28.30 7.77 34.73
C THR A 29 29.23 9.00 34.61
N PRO A 30 29.43 9.74 35.71
CA PRO A 30 29.00 9.50 37.08
C PRO A 30 27.55 9.90 37.43
N LEU A 31 26.79 10.44 36.46
CA LEU A 31 25.38 10.80 36.67
C LEU A 31 24.52 9.59 36.98
N ASP A 32 23.62 9.73 37.95
CA ASP A 32 22.72 8.64 38.35
C ASP A 32 21.26 9.07 38.55
N ARG A 33 20.92 10.32 38.22
CA ARG A 33 19.55 10.80 38.35
C ARG A 33 19.41 11.99 37.40
N PHE A 34 18.17 12.45 37.18
CA PHE A 34 17.96 13.70 36.45
C PHE A 34 18.52 14.88 37.24
N MET A 35 19.03 15.86 36.53
CA MET A 35 19.78 16.95 37.19
C MET A 35 18.94 17.85 38.08
N GLY A 36 19.52 18.21 39.22
CA GLY A 36 18.96 19.23 40.10
C GLY A 36 19.30 20.59 39.54
N GLU A 37 18.76 21.64 40.15
CA GLU A 37 18.91 23.01 39.63
C GLU A 37 20.35 23.51 39.59
N GLU A 38 21.14 23.18 40.60
CA GLU A 38 22.54 23.63 40.66
C GLU A 38 23.39 22.97 39.58
N ASP A 39 23.33 21.64 39.50
CA ASP A 39 24.00 20.89 38.43
C ASP A 39 23.56 21.39 37.06
N TYR A 40 22.26 21.50 36.84
CA TYR A 40 21.70 21.98 35.58
C TYR A 40 22.30 23.33 35.12
N ARG A 41 22.34 24.30 36.02
CA ARG A 41 22.80 25.64 35.67
C ARG A 41 24.29 25.70 35.36
N ASN A 42 25.08 24.95 36.12
CA ASN A 42 26.51 24.88 35.87
C ASN A 42 26.86 24.08 34.63
N VAL A 43 26.01 23.12 34.27
CA VAL A 43 26.15 22.39 33.00
C VAL A 43 25.81 23.31 31.81
N VAL A 44 24.68 24.00 31.91
CA VAL A 44 24.27 24.97 30.89
C VAL A 44 25.37 26.01 30.68
N GLU A 45 25.82 26.62 31.78
CA GLU A 45 26.73 27.75 31.70
C GLU A 45 28.21 27.38 31.43
N SER A 46 28.67 26.26 31.96
CA SER A 46 30.09 25.94 31.84
C SER A 46 30.44 24.46 31.59
N MET A 47 29.45 23.67 31.16
CA MET A 47 29.64 22.24 30.85
C MET A 47 30.14 21.40 32.04
N ARG A 48 29.79 21.80 33.25
CA ARG A 48 30.26 21.12 34.45
C ARG A 48 29.16 20.95 35.47
N LEU A 49 29.20 19.82 36.19
CA LEU A 49 28.34 19.62 37.35
C LEU A 49 28.82 20.59 38.41
N LYS A 50 27.97 20.88 39.40
CA LYS A 50 28.32 21.80 40.50
C LYS A 50 29.66 21.42 41.15
N SER A 51 29.91 20.11 41.22
CA SER A 51 31.14 19.54 41.77
C SER A 51 32.38 19.85 40.94
N GLY A 52 32.20 20.11 39.64
CA GLY A 52 33.34 20.40 38.76
C GLY A 52 33.52 19.36 37.67
N THR A 53 32.95 18.18 37.87
CA THR A 53 32.96 17.10 36.90
C THR A 53 32.35 17.54 35.58
N LEU A 54 33.07 17.22 34.49
CA LEU A 54 32.64 17.59 33.16
C LEU A 54 31.36 16.86 32.75
N PHE A 55 30.32 17.63 32.47
CA PHE A 55 29.12 17.12 31.82
C PHE A 55 28.53 18.21 30.92
N PRO A 56 28.69 18.06 29.58
CA PRO A 56 28.40 19.14 28.66
C PRO A 56 26.95 19.28 28.22
N ILE A 57 26.14 18.25 28.44
CA ILE A 57 24.72 18.24 28.04
C ILE A 57 23.82 17.99 29.26
N PRO A 58 22.85 18.92 29.52
CA PRO A 58 21.90 18.71 30.63
C PRO A 58 20.93 17.56 30.39
N ILE A 59 20.68 16.79 31.44
CA ILE A 59 19.74 15.66 31.46
C ILE A 59 18.73 15.95 32.57
N THR A 60 17.54 16.38 32.17
CA THR A 60 16.48 16.83 33.06
C THR A 60 15.12 16.23 32.70
N LEU A 61 14.18 16.33 33.62
CA LEU A 61 12.88 15.70 33.47
C LEU A 61 11.77 16.74 33.50
N PRO A 62 11.23 17.08 32.31
CA PRO A 62 10.21 18.13 32.19
C PRO A 62 8.87 17.68 32.77
N MET A 63 8.13 18.63 33.34
CA MET A 63 6.84 18.37 33.95
C MET A 63 5.91 19.55 33.66
N GLU A 64 4.72 19.27 33.14
CA GLU A 64 3.77 20.35 32.85
C GLU A 64 3.39 21.04 34.15
N LYS A 65 3.33 22.37 34.08
CA LYS A 65 3.06 23.27 35.21
C LYS A 65 1.96 22.81 36.18
N GLU A 66 0.88 22.22 35.66
CA GLU A 66 -0.24 21.84 36.54
C GLU A 66 0.07 20.61 37.39
N ILE A 67 0.74 19.62 36.82
CA ILE A 67 1.19 18.47 37.61
C ILE A 67 2.26 18.86 38.64
N ALA A 68 3.24 19.66 38.22
CA ALA A 68 4.35 20.06 39.10
C ALA A 68 3.88 20.76 40.37
N LYS A 69 2.82 21.55 40.26
CA LYS A 69 2.25 22.29 41.38
C LYS A 69 1.66 21.36 42.45
N ASP A 70 1.28 20.14 42.04
CA ASP A 70 0.65 19.22 42.98
C ASP A 70 1.63 18.20 43.54
N LEU A 71 2.89 18.32 43.14
CA LEU A 71 3.95 17.48 43.69
C LEU A 71 4.31 17.94 45.12
N LYS A 72 4.51 16.96 46.00
CA LYS A 72 4.88 17.27 47.37
C LYS A 72 6.36 16.97 47.63
N GLU A 73 7.03 17.91 48.29
CA GLU A 73 8.45 17.79 48.58
C GLU A 73 8.71 16.47 49.31
N GLY A 74 9.64 15.69 48.77
CA GLY A 74 10.06 14.45 49.40
C GLY A 74 9.25 13.20 49.07
N GLU A 75 8.18 13.35 48.30
CA GLU A 75 7.30 12.22 47.98
C GLU A 75 7.87 11.32 46.86
N TRP A 76 7.52 10.04 46.92
CA TRP A 76 7.87 9.09 45.87
C TRP A 76 6.78 8.99 44.83
N ILE A 77 7.19 9.07 43.56
CA ILE A 77 6.30 8.90 42.44
C ILE A 77 6.79 7.80 41.50
N VAL A 78 5.86 7.22 40.76
CA VAL A 78 6.14 6.23 39.75
C VAL A 78 6.28 6.93 38.40
N LEU A 79 7.40 6.68 37.72
CA LEU A 79 7.62 7.15 36.36
C LEU A 79 7.23 6.04 35.39
N ARG A 80 6.25 6.34 34.53
CA ARG A 80 5.73 5.37 33.58
C ARG A 80 6.03 5.86 32.19
N ASP A 81 6.20 4.92 31.26
CA ASP A 81 6.41 5.28 29.86
C ASP A 81 5.07 5.65 29.18
N PRO A 82 5.10 6.12 27.91
CA PRO A 82 3.90 6.48 27.13
C PRO A 82 2.82 5.41 26.99
N LYS A 83 3.11 4.20 27.44
CA LYS A 83 2.15 3.12 27.40
C LYS A 83 1.81 2.64 28.82
N ASN A 84 2.19 3.47 29.79
CA ASN A 84 1.80 3.32 31.20
C ASN A 84 2.53 2.20 31.97
N VAL A 85 3.63 1.71 31.42
CA VAL A 85 4.46 0.69 32.06
C VAL A 85 5.42 1.38 33.07
N PRO A 86 5.46 0.88 34.33
CA PRO A 86 6.27 1.55 35.38
C PRO A 86 7.73 1.17 35.29
N LEU A 87 8.59 2.18 35.11
CA LEU A 87 10.01 1.95 34.87
C LEU A 87 10.85 2.22 36.11
N ALA A 88 10.40 3.16 36.93
CA ALA A 88 11.15 3.54 38.11
C ALA A 88 10.24 4.27 39.07
N ILE A 89 10.65 4.35 40.33
CA ILE A 89 10.12 5.36 41.24
C ILE A 89 11.15 6.46 41.45
N MET A 90 10.67 7.70 41.59
CA MET A 90 11.54 8.85 41.78
C MET A 90 11.06 9.67 42.97
N ARG A 91 12.01 10.14 43.77
CA ARG A 91 11.70 10.98 44.91
C ARG A 91 11.73 12.42 44.44
N VAL A 92 10.71 13.17 44.83
CA VAL A 92 10.60 14.55 44.40
C VAL A 92 11.39 15.40 45.39
N GLU A 93 12.64 15.69 45.04
CA GLU A 93 13.50 16.49 45.91
C GLU A 93 13.64 17.93 45.41
N GLU A 94 13.48 18.11 44.10
CA GLU A 94 13.51 19.43 43.47
C GLU A 94 12.44 19.59 42.42
N VAL A 95 11.83 20.76 42.40
CA VAL A 95 10.91 21.17 41.34
C VAL A 95 11.25 22.63 41.04
N TYR A 96 11.70 22.91 39.83
CA TYR A 96 12.16 24.24 39.47
C TYR A 96 11.81 24.58 38.05
N LYS A 97 11.63 25.88 37.77
CA LYS A 97 11.39 26.36 36.42
C LYS A 97 12.70 26.45 35.66
N TRP A 98 12.60 26.29 34.35
CA TRP A 98 13.73 26.49 33.48
C TRP A 98 13.35 27.56 32.46
N ASN A 99 14.33 27.97 31.67
CA ASN A 99 14.12 29.00 30.67
C ASN A 99 14.65 28.48 29.35
N LEU A 100 13.78 28.49 28.33
CA LEU A 100 14.11 27.90 27.04
C LEU A 100 15.25 28.65 26.36
N GLU A 101 15.14 29.98 26.32
CA GLU A 101 16.15 30.84 25.73
C GLU A 101 17.51 30.65 26.41
N TYR A 102 17.49 30.60 27.74
CA TYR A 102 18.69 30.32 28.55
C TYR A 102 19.36 29.02 28.14
N GLU A 103 18.59 27.94 28.11
CA GLU A 103 19.09 26.60 27.86
C GLU A 103 19.49 26.40 26.39
N ALA A 104 18.64 26.84 25.48
CA ALA A 104 18.89 26.68 24.03
C ALA A 104 20.11 27.46 23.56
N LYS A 105 20.21 28.73 23.93
CA LYS A 105 21.32 29.57 23.48
C LYS A 105 22.67 29.10 24.02
N ASN A 106 22.69 28.70 25.29
CA ASN A 106 23.92 28.25 25.94
C ASN A 106 24.38 26.85 25.46
N VAL A 107 23.46 25.88 25.50
CA VAL A 107 23.78 24.52 25.09
C VAL A 107 23.85 24.35 23.58
N LEU A 108 22.95 25.01 22.84
CA LEU A 108 22.84 24.79 21.37
C LEU A 108 23.49 25.87 20.51
N GLY A 109 23.69 27.06 21.08
CA GLY A 109 24.23 28.22 20.34
C GLY A 109 23.17 29.01 19.59
N THR A 110 21.91 28.59 19.73
CA THR A 110 20.83 29.14 18.90
C THR A 110 19.47 29.07 19.61
N THR A 111 18.53 29.90 19.15
CA THR A 111 17.12 29.82 19.58
C THR A 111 16.17 29.65 18.39
N ASP A 112 16.76 29.39 17.22
CA ASP A 112 16.04 29.19 15.98
C ASP A 112 15.21 27.90 16.03
N PRO A 113 13.88 28.02 15.82
CA PRO A 113 12.96 26.88 15.80
C PRO A 113 13.24 25.87 14.69
N ARG A 114 14.02 26.27 13.67
CA ARG A 114 14.56 25.33 12.69
C ARG A 114 15.42 24.22 13.32
N HIS A 115 16.13 24.55 14.41
CA HIS A 115 16.87 23.54 15.17
C HIS A 115 15.86 22.57 15.79
N PRO A 116 15.96 21.27 15.44
CA PRO A 116 14.95 20.28 15.83
C PRO A 116 14.72 20.20 17.35
N LEU A 117 15.79 20.36 18.13
CA LEU A 117 15.65 20.37 19.59
C LEU A 117 14.97 21.63 20.12
N VAL A 118 15.30 22.79 19.54
CA VAL A 118 14.62 24.03 19.91
C VAL A 118 13.12 23.87 19.71
N ALA A 119 12.73 23.34 18.55
CA ALA A 119 11.32 23.08 18.23
C ALA A 119 10.64 22.11 19.22
N GLU A 120 11.35 21.05 19.60
CA GLU A 120 10.84 20.11 20.59
C GLU A 120 10.76 20.73 22.00
N MET A 121 11.71 21.59 22.33
CA MET A 121 11.77 22.22 23.66
C MET A 121 10.55 23.08 23.96
N HIS A 122 9.97 23.67 22.92
CA HIS A 122 8.72 24.41 23.04
C HIS A 122 7.54 23.50 23.41
N THR A 123 7.75 22.18 23.44
CA THR A 123 6.70 21.23 23.83
C THR A 123 6.96 20.64 25.21
N TRP A 124 8.13 20.95 25.79
CA TRP A 124 8.49 20.43 27.10
C TRP A 124 7.73 21.17 28.20
N GLY A 125 7.34 20.42 29.25
CA GLY A 125 6.73 21.01 30.43
C GLY A 125 7.65 22.03 31.08
N GLU A 126 7.06 23.03 31.71
CA GLU A 126 7.77 24.23 32.17
C GLU A 126 8.60 24.08 33.45
N TYR A 127 8.53 22.91 34.07
CA TYR A 127 9.25 22.66 35.32
C TYR A 127 10.13 21.44 35.15
N TYR A 128 11.30 21.45 35.79
CA TYR A 128 12.15 20.27 35.84
C TYR A 128 12.10 19.63 37.22
N ILE A 129 12.06 18.30 37.25
CA ILE A 129 12.01 17.56 38.50
C ILE A 129 13.26 16.70 38.68
N SER A 130 13.65 16.50 39.94
CA SER A 130 14.87 15.77 40.26
C SER A 130 14.78 15.12 41.63
N GLY A 131 15.48 14.00 41.75
CA GLY A 131 15.62 13.29 43.01
C GLY A 131 16.03 11.84 42.75
N GLU A 132 16.25 11.14 43.86
CA GLU A 132 16.66 9.76 43.87
C GLU A 132 15.79 8.88 42.99
N LEU A 133 16.45 8.03 42.20
CA LEU A 133 15.78 7.05 41.36
C LEU A 133 15.95 5.63 41.89
N LYS A 134 14.87 4.86 41.88
CA LYS A 134 14.93 3.42 42.09
C LYS A 134 14.30 2.73 40.88
N VAL A 135 15.08 1.98 40.13
CA VAL A 135 14.63 1.30 38.92
C VAL A 135 13.69 0.14 39.25
N ILE A 136 12.58 0.05 38.52
CA ILE A 136 11.70 -1.13 38.60
C ILE A 136 12.05 -2.11 37.48
N GLN A 137 12.25 -1.56 36.27
CA GLN A 137 12.61 -2.36 35.10
C GLN A 137 13.11 -1.46 33.97
N LEU A 138 14.01 -2.00 33.16
CA LEU A 138 14.47 -1.31 31.96
C LEU A 138 13.46 -1.48 30.83
N PRO A 139 13.42 -0.53 29.88
CA PRO A 139 12.58 -0.74 28.70
C PRO A 139 12.96 -2.03 28.00
N LYS A 140 11.96 -2.74 27.50
CA LYS A 140 12.16 -4.00 26.83
C LYS A 140 11.85 -3.86 25.33
N TYR A 141 12.77 -4.38 24.51
CA TYR A 141 12.74 -4.23 23.05
C TYR A 141 12.71 -5.58 22.37
N TYR A 142 12.12 -5.61 21.18
CA TYR A 142 11.79 -6.84 20.50
C TYR A 142 12.19 -6.75 19.04
N ASP A 143 13.20 -5.91 18.76
CA ASP A 143 13.71 -5.76 17.41
C ASP A 143 15.00 -6.55 17.27
N PHE A 144 16.11 -6.02 17.78
CA PHE A 144 17.39 -6.71 17.74
C PHE A 144 18.03 -6.70 19.14
N PRO A 145 17.39 -7.41 20.11
CA PRO A 145 17.85 -7.41 21.50
C PRO A 145 19.30 -7.88 21.64
N GLU A 146 19.73 -8.74 20.73
CA GLU A 146 21.12 -9.24 20.72
C GLU A 146 22.16 -8.12 20.56
N TYR A 147 21.78 -7.03 19.91
CA TYR A 147 22.69 -5.90 19.71
C TYR A 147 22.45 -4.74 20.67
N ARG A 148 21.42 -4.85 21.50
CA ARG A 148 21.18 -3.84 22.51
C ARG A 148 21.97 -4.22 23.76
N LYS A 149 23.10 -3.57 23.95
CA LYS A 149 24.07 -4.00 24.95
C LYS A 149 24.37 -2.88 25.90
N THR A 150 24.42 -3.23 27.19
CA THR A 150 24.70 -2.29 28.25
C THR A 150 26.20 -2.00 28.26
N PRO A 151 26.63 -0.88 28.89
CA PRO A 151 28.06 -0.65 29.14
C PRO A 151 28.81 -1.87 29.68
N LYS A 152 28.23 -2.55 30.67
CA LYS A 152 28.81 -3.77 31.26
C LYS A 152 29.07 -4.83 30.21
N GLN A 153 28.07 -5.07 29.36
CA GLN A 153 28.12 -6.08 28.32
C GLN A 153 29.13 -5.79 27.21
N VAL A 154 29.18 -4.54 26.75
CA VAL A 154 30.17 -4.11 25.77
C VAL A 154 31.58 -4.21 26.38
N ARG A 155 31.73 -3.84 27.65
CA ARG A 155 33.02 -3.94 28.34
C ARG A 155 33.43 -5.40 28.52
N GLU A 156 32.46 -6.29 28.70
CA GLU A 156 32.73 -7.72 28.79
C GLU A 156 33.18 -8.33 27.46
N GLU A 157 32.50 -7.94 26.39
CA GLU A 157 32.77 -8.42 25.05
C GLU A 157 34.13 -7.93 24.54
N ILE A 158 34.50 -6.70 24.93
CA ILE A 158 35.83 -6.18 24.67
C ILE A 158 36.93 -7.11 25.23
N LYS A 159 36.72 -7.56 26.47
CA LYS A 159 37.64 -8.49 27.13
C LYS A 159 37.65 -9.85 26.45
N SER A 160 36.48 -10.32 26.02
CA SER A 160 36.38 -11.63 25.39
C SER A 160 37.16 -11.67 24.08
N LEU A 161 37.32 -10.50 23.48
CA LEU A 161 38.09 -10.37 22.24
C LEU A 161 39.56 -10.04 22.52
N GLY A 162 39.85 -9.61 23.74
CA GLY A 162 41.23 -9.39 24.19
C GLY A 162 41.84 -8.15 23.60
N LEU A 163 41.00 -7.13 23.45
CA LEU A 163 41.35 -5.86 22.81
C LEU A 163 41.63 -4.78 23.85
N ASP A 164 42.83 -4.21 23.79
CA ASP A 164 43.24 -3.18 24.76
C ASP A 164 42.98 -1.75 24.26
N LYS A 165 42.69 -1.61 22.97
CA LYS A 165 42.27 -0.33 22.41
C LYS A 165 41.05 -0.53 21.54
N ILE A 166 40.05 0.34 21.70
CA ILE A 166 38.80 0.27 20.93
C ILE A 166 38.41 1.66 20.46
N VAL A 167 38.27 1.82 19.15
CA VAL A 167 37.76 3.06 18.57
C VAL A 167 36.27 2.94 18.42
N ALA A 168 35.54 3.95 18.90
CA ALA A 168 34.09 3.97 18.73
C ALA A 168 33.63 4.88 17.60
N PHE A 169 32.54 4.47 16.95
CA PHE A 169 31.95 5.22 15.85
C PHE A 169 30.48 5.55 16.16
N GLN A 170 30.20 6.85 16.13
CA GLN A 170 28.87 7.38 16.30
C GLN A 170 28.25 7.55 14.93
N THR A 171 27.00 7.12 14.79
CA THR A 171 26.23 7.45 13.61
C THR A 171 24.73 7.42 13.89
N ARG A 172 24.00 8.21 13.09
CA ARG A 172 22.53 8.21 13.07
C ARG A 172 22.02 7.99 11.64
N ASN A 173 22.92 7.59 10.75
CA ASN A 173 22.63 7.42 9.31
C ASN A 173 22.98 6.03 8.83
N PRO A 174 22.43 5.61 7.66
CA PRO A 174 22.95 4.39 7.03
C PRO A 174 24.45 4.54 6.75
N MET A 175 25.18 3.43 6.89
CA MET A 175 26.59 3.40 6.58
C MET A 175 26.84 2.98 5.13
N HIS A 176 27.52 3.84 4.41
CA HIS A 176 27.93 3.60 3.05
C HIS A 176 29.42 3.22 3.05
N ARG A 177 30.03 3.05 1.88
CA ARG A 177 31.43 2.64 1.83
C ARG A 177 32.36 3.67 2.49
N VAL A 178 31.96 4.94 2.42
CA VAL A 178 32.73 6.05 3.00
C VAL A 178 32.89 5.90 4.51
N HIS A 179 31.84 5.40 5.18
CA HIS A 179 31.85 5.22 6.63
C HIS A 179 32.60 3.96 7.03
N GLU A 180 32.36 2.88 6.30
CA GLU A 180 33.14 1.65 6.43
C GLU A 180 34.65 1.87 6.28
N GLU A 181 35.05 2.67 5.30
CA GLU A 181 36.46 2.98 5.10
C GLU A 181 36.97 3.92 6.20
N LEU A 182 36.12 4.86 6.59
CA LEU A 182 36.36 5.78 7.72
C LEU A 182 36.59 5.05 9.05
N THR A 183 35.81 4.00 9.30
CA THR A 183 35.92 3.23 10.53
C THR A 183 37.10 2.27 10.53
N LYS A 184 37.29 1.57 9.42
CA LYS A 184 38.41 0.64 9.25
C LYS A 184 39.77 1.34 9.20
N ARG A 185 39.79 2.58 8.69
CA ARG A 185 41.01 3.40 8.74
C ARG A 185 41.28 3.90 10.15
N ALA A 186 40.25 4.43 10.82
CA ALA A 186 40.38 4.81 12.23
C ALA A 186 40.97 3.65 13.04
N MET A 187 40.46 2.46 12.79
CA MET A 187 40.86 1.25 13.51
C MET A 187 42.35 0.94 13.29
N GLU A 188 42.82 1.18 12.07
CA GLU A 188 44.20 0.87 11.69
C GLU A 188 45.19 1.86 12.32
N LYS A 189 44.76 3.12 12.43
CA LYS A 189 45.54 4.18 13.06
C LYS A 189 45.77 3.87 14.54
N VAL A 190 44.68 3.54 15.23
CA VAL A 190 44.72 3.23 16.66
C VAL A 190 45.44 1.91 16.95
N GLY A 191 45.26 0.94 16.06
CA GLY A 191 45.92 -0.35 16.18
C GLY A 191 45.16 -1.31 17.07
N GLY A 192 43.89 -1.01 17.31
CA GLY A 192 43.04 -1.83 18.16
C GLY A 192 41.78 -2.30 17.47
N GLY A 193 40.71 -2.46 18.24
CA GLY A 193 39.43 -2.92 17.71
C GLY A 193 38.46 -1.79 17.37
N LEU A 194 37.27 -2.17 16.92
CA LEU A 194 36.24 -1.20 16.58
C LEU A 194 34.90 -1.46 17.29
N LEU A 195 34.30 -0.40 17.81
CA LEU A 195 32.96 -0.46 18.34
C LEU A 195 32.06 0.39 17.46
N LEU A 196 31.26 -0.28 16.65
CA LEU A 196 30.22 0.38 15.89
C LEU A 196 29.09 0.64 16.86
N HIS A 197 28.78 1.91 17.11
CA HIS A 197 27.83 2.27 18.14
C HIS A 197 26.74 3.22 17.65
N PRO A 198 25.91 2.76 16.69
CA PRO A 198 24.87 3.59 16.08
C PRO A 198 23.78 3.93 17.06
N VAL A 199 23.14 5.09 16.83
CA VAL A 199 22.06 5.58 17.70
C VAL A 199 20.72 5.07 17.20
N VAL A 200 19.98 4.39 18.08
CA VAL A 200 18.68 3.82 17.74
C VAL A 200 17.57 4.40 18.64
N GLY A 201 17.89 5.43 19.39
CA GLY A 201 16.91 6.05 20.30
C GLY A 201 16.14 7.15 19.61
N LEU A 202 16.66 8.37 19.68
CA LEU A 202 16.07 9.49 18.95
C LEU A 202 17.19 10.22 18.25
N THR A 203 16.93 10.58 17.00
CA THR A 203 17.90 11.31 16.24
C THR A 203 17.31 12.65 15.83
N LYS A 204 17.01 12.79 14.54
CA LYS A 204 16.62 14.03 13.95
C LYS A 204 15.39 13.70 13.11
N PRO A 205 14.35 14.56 13.12
CA PRO A 205 13.18 14.29 12.29
C PRO A 205 13.54 14.28 10.78
N GLY A 206 12.95 13.34 10.05
CA GLY A 206 13.29 13.15 8.64
C GLY A 206 14.47 12.22 8.41
N ASP A 207 15.06 11.71 9.50
CA ASP A 207 16.10 10.67 9.37
C ASP A 207 15.52 9.37 8.82
N VAL A 208 16.38 8.51 8.28
CA VAL A 208 15.99 7.17 7.86
C VAL A 208 15.44 6.44 9.09
N ASP A 209 14.30 5.78 8.94
CA ASP A 209 13.62 5.16 10.09
C ASP A 209 14.54 4.17 10.76
N VAL A 210 14.39 4.02 12.07
CA VAL A 210 15.29 3.19 12.86
C VAL A 210 15.40 1.71 12.43
N TYR A 211 14.31 1.12 11.94
CA TYR A 211 14.30 -0.29 11.52
C TYR A 211 15.19 -0.56 10.31
N THR A 212 15.02 0.25 9.27
CA THR A 212 15.88 0.24 8.08
C THR A 212 17.35 0.38 8.47
N ARG A 213 17.62 1.33 9.35
CA ARG A 213 19.00 1.60 9.77
C ARG A 213 19.62 0.44 10.52
N MET A 214 18.89 -0.10 11.50
CA MET A 214 19.36 -1.27 12.26
C MET A 214 19.66 -2.47 11.36
N ARG A 215 18.77 -2.73 10.40
CA ARG A 215 18.96 -3.84 9.44
C ARG A 215 20.22 -3.65 8.58
N ILE A 216 20.50 -2.40 8.22
CA ILE A 216 21.71 -2.01 7.51
C ILE A 216 22.96 -2.27 8.34
N TYR A 217 22.96 -1.80 9.58
CA TYR A 217 24.10 -2.01 10.48
C TYR A 217 24.38 -3.49 10.70
N LYS A 218 23.31 -4.27 10.81
CA LYS A 218 23.40 -5.68 11.12
C LYS A 218 23.97 -6.50 9.95
N VAL A 219 23.46 -6.28 8.74
CA VAL A 219 23.97 -6.97 7.56
C VAL A 219 25.41 -6.54 7.22
N LEU A 220 25.67 -5.24 7.39
CA LEU A 220 26.99 -4.67 7.10
C LEU A 220 28.05 -5.20 8.07
N TYR A 221 27.68 -5.26 9.35
CA TYR A 221 28.55 -5.86 10.36
C TYR A 221 28.74 -7.35 10.12
N GLU A 222 27.66 -8.09 9.88
CA GLU A 222 27.71 -9.54 9.66
C GLU A 222 28.53 -10.03 8.46
N LYS A 223 28.48 -9.31 7.34
CA LYS A 223 29.11 -9.73 6.09
C LYS A 223 30.42 -9.02 5.72
N TYR A 224 30.76 -7.93 6.40
CA TYR A 224 31.92 -7.13 6.00
C TYR A 224 32.97 -6.84 7.09
N TYR A 225 32.63 -7.09 8.35
CA TYR A 225 33.56 -6.77 9.45
C TYR A 225 34.20 -7.99 10.12
N ASP A 226 35.51 -7.91 10.35
CA ASP A 226 36.23 -8.96 11.06
C ASP A 226 35.71 -9.02 12.49
N LYS A 227 35.02 -10.11 12.81
CA LYS A 227 34.41 -10.33 14.13
C LYS A 227 35.40 -10.36 15.29
N LYS A 228 36.66 -10.65 14.99
CA LYS A 228 37.66 -10.76 16.04
C LYS A 228 38.11 -9.38 16.54
N LYS A 229 37.68 -8.32 15.84
CA LYS A 229 38.06 -6.95 16.22
C LYS A 229 36.94 -5.92 16.11
N THR A 230 35.75 -6.37 15.74
CA THR A 230 34.62 -5.46 15.61
C THR A 230 33.49 -5.85 16.53
N ILE A 231 32.95 -4.85 17.22
CA ILE A 231 31.74 -5.01 18.03
C ILE A 231 30.61 -4.12 17.51
N LEU A 232 29.42 -4.70 17.39
CA LEU A 232 28.23 -3.93 17.07
C LEU A 232 27.32 -3.82 18.29
N ALA A 233 26.99 -2.58 18.64
CA ALA A 233 26.10 -2.29 19.76
C ALA A 233 25.18 -1.16 19.36
N PHE A 234 23.88 -1.30 19.66
CA PHE A 234 22.89 -0.25 19.41
C PHE A 234 22.75 0.64 20.66
N LEU A 235 22.90 1.96 20.48
CA LEU A 235 22.81 2.91 21.61
C LEU A 235 21.45 3.60 21.66
N PRO A 236 20.67 3.39 22.73
CA PRO A 236 19.36 4.04 22.81
C PRO A 236 19.46 5.51 23.26
N LEU A 237 20.29 6.29 22.58
CA LEU A 237 20.49 7.70 22.90
C LEU A 237 19.40 8.56 22.29
N ALA A 238 18.91 9.52 23.09
CA ALA A 238 18.07 10.59 22.58
C ALA A 238 19.01 11.75 22.28
N MET A 239 19.41 11.86 21.02
CA MET A 239 20.36 12.90 20.62
C MET A 239 19.77 14.29 20.80
N ARG A 240 20.66 15.25 21.03
CA ARG A 240 20.28 16.64 21.18
C ARG A 240 20.58 17.47 19.95
N MET A 241 21.28 16.86 18.98
CA MET A 241 21.83 17.56 17.80
C MET A 241 22.55 18.85 18.19
N ALA A 242 23.40 18.78 19.21
CA ALA A 242 24.06 19.96 19.79
C ALA A 242 25.52 20.14 19.36
N GLY A 243 25.91 19.51 18.25
CA GLY A 243 27.25 19.71 17.68
C GLY A 243 28.41 19.48 18.64
N PRO A 244 29.30 20.48 18.79
CA PRO A 244 30.49 20.40 19.64
C PRO A 244 30.24 19.87 21.05
N ARG A 245 29.27 20.44 21.75
CA ARG A 245 28.90 19.96 23.08
C ARG A 245 28.45 18.50 23.08
N GLU A 246 27.72 18.09 22.05
CA GLU A 246 27.29 16.70 21.94
C GLU A 246 28.47 15.77 21.64
N ALA A 247 29.44 16.24 20.85
CA ALA A 247 30.68 15.49 20.63
C ALA A 247 31.37 15.09 21.94
N LEU A 248 31.54 16.05 22.85
CA LEU A 248 32.13 15.77 24.16
C LEU A 248 31.35 14.71 24.92
N TRP A 249 30.02 14.90 24.95
CA TRP A 249 29.04 14.00 25.55
C TRP A 249 29.15 12.57 25.01
N HIS A 250 29.24 12.45 23.70
CA HIS A 250 29.43 11.16 23.03
C HIS A 250 30.70 10.49 23.50
N GLY A 251 31.73 11.30 23.71
CA GLY A 251 33.03 10.85 24.22
C GLY A 251 32.89 10.27 25.60
N ILE A 252 32.21 10.99 26.48
CA ILE A 252 31.94 10.53 27.84
C ILE A 252 31.18 9.20 27.80
N ILE A 253 30.08 9.17 27.06
CA ILE A 253 29.24 7.99 26.90
C ILE A 253 30.02 6.77 26.39
N ARG A 254 30.75 6.93 25.30
CA ARG A 254 31.50 5.83 24.73
C ARG A 254 32.64 5.34 25.63
N ARG A 255 33.22 6.25 26.41
CA ARG A 255 34.22 5.87 27.40
C ARG A 255 33.60 4.93 28.42
N ASN A 256 32.36 5.24 28.84
CA ASN A 256 31.63 4.39 29.78
C ASN A 256 31.25 3.03 29.18
N TYR A 257 31.28 2.91 27.85
CA TYR A 257 31.09 1.61 27.19
C TYR A 257 32.40 0.83 26.99
N GLY A 258 33.53 1.43 27.36
CA GLY A 258 34.84 0.75 27.24
C GLY A 258 35.72 1.23 26.09
N ALA A 259 35.25 2.23 25.35
CA ALA A 259 36.04 2.83 24.27
C ALA A 259 37.25 3.60 24.79
N THR A 260 38.38 3.42 24.12
CA THR A 260 39.60 4.16 24.43
C THR A 260 39.77 5.32 23.45
N HIS A 261 39.02 5.28 22.35
CA HIS A 261 39.14 6.24 21.25
C HIS A 261 37.77 6.55 20.66
N PHE A 262 37.61 7.76 20.14
CA PHE A 262 36.34 8.19 19.56
C PHE A 262 36.51 8.96 18.24
N ILE A 263 35.85 8.49 17.19
CA ILE A 263 35.86 9.16 15.87
C ILE A 263 35.09 10.47 15.96
N VAL A 264 35.70 11.55 15.51
CA VAL A 264 34.99 12.81 15.33
C VAL A 264 35.28 13.33 13.91
N GLY A 265 34.30 13.19 13.02
CA GLY A 265 34.45 13.65 11.66
C GLY A 265 34.02 15.10 11.52
N ARG A 266 33.79 15.52 10.27
CA ARG A 266 33.25 16.82 9.96
C ARG A 266 31.80 16.96 10.45
N ASP A 267 31.42 18.16 10.90
CA ASP A 267 30.04 18.51 11.28
C ASP A 267 29.38 17.50 12.23
N HIS A 268 30.19 16.95 13.14
CA HIS A 268 29.77 15.90 14.06
C HIS A 268 28.55 16.35 14.87
N ALA A 269 27.47 15.57 14.78
CA ALA A 269 26.24 15.79 15.56
C ALA A 269 25.51 17.11 15.25
N SER A 270 25.72 17.61 14.05
CA SER A 270 25.05 18.82 13.57
C SER A 270 23.73 18.50 12.86
N PRO A 271 22.71 19.37 13.06
CA PRO A 271 21.43 19.22 12.36
C PRO A 271 21.37 19.93 11.00
N GLY A 272 22.44 20.60 10.60
CA GLY A 272 22.51 21.28 9.31
C GLY A 272 22.58 22.79 9.41
N LYS A 273 21.60 23.45 8.80
CA LYS A 273 21.59 24.92 8.69
C LYS A 273 20.34 25.53 9.32
N ASP A 274 20.42 26.79 9.73
CA ASP A 274 19.29 27.50 10.32
C ASP A 274 18.34 28.09 9.26
N SER A 275 17.44 28.98 9.71
CA SER A 275 16.44 29.61 8.86
C SER A 275 17.04 30.54 7.80
N LYS A 276 18.15 31.20 8.15
CA LYS A 276 18.87 32.08 7.21
C LYS A 276 19.83 31.29 6.33
N GLY A 277 19.71 29.97 6.36
CA GLY A 277 20.56 29.06 5.58
C GLY A 277 22.03 29.04 5.99
N LYS A 278 22.29 29.22 7.28
CA LYS A 278 23.65 29.18 7.83
C LYS A 278 23.85 27.95 8.71
N PRO A 279 25.01 27.26 8.57
CA PRO A 279 25.33 26.15 9.46
C PRO A 279 25.23 26.55 10.93
N PHE A 280 24.60 25.69 11.72
CA PHE A 280 24.49 25.90 13.17
C PHE A 280 25.86 25.94 13.83
N TYR A 281 26.78 25.09 13.35
CA TYR A 281 28.14 24.99 13.88
C TYR A 281 29.15 24.99 12.73
N ASP A 282 30.39 25.35 13.03
CA ASP A 282 31.47 25.26 12.05
C ASP A 282 31.90 23.80 11.92
N PRO A 283 32.35 23.39 10.72
CA PRO A 283 32.58 21.96 10.43
C PRO A 283 33.55 21.22 11.34
N TYR A 284 34.47 21.94 11.97
CA TYR A 284 35.54 21.32 12.78
C TYR A 284 35.62 21.86 14.21
N GLU A 285 34.64 22.70 14.58
CA GLU A 285 34.48 23.19 15.94
C GLU A 285 34.38 22.04 16.95
N ALA A 286 33.68 20.96 16.57
CA ALA A 286 33.52 19.80 17.43
C ALA A 286 34.86 19.10 17.72
N GLN A 287 35.73 19.05 16.72
CA GLN A 287 37.04 18.43 16.86
C GLN A 287 37.96 19.27 17.76
N GLU A 288 37.84 20.59 17.65
CA GLU A 288 38.62 21.53 18.44
C GLU A 288 38.20 21.54 19.91
N LEU A 289 36.89 21.53 20.16
CA LEU A 289 36.39 21.45 21.53
C LEU A 289 36.83 20.16 22.20
N PHE A 290 36.65 19.03 21.48
CA PHE A 290 36.98 17.71 22.00
C PHE A 290 38.45 17.61 22.39
N LYS A 291 39.32 18.16 21.54
CA LYS A 291 40.76 18.17 21.77
C LYS A 291 41.15 18.92 23.05
N LYS A 292 40.35 19.91 23.43
CA LYS A 292 40.62 20.71 24.64
C LYS A 292 40.22 19.98 25.92
N TYR A 293 39.35 18.98 25.81
CA TYR A 293 38.84 18.25 26.98
C TYR A 293 39.13 16.74 26.98
N GLU A 294 39.74 16.22 25.91
CA GLU A 294 39.91 14.77 25.74
C GLU A 294 40.73 14.08 26.83
N ASP A 295 41.75 14.77 27.33
CA ASP A 295 42.60 14.25 28.40
C ASP A 295 41.82 14.19 29.71
N GLU A 296 41.05 15.23 29.98
CA GLU A 296 40.15 15.27 31.14
C GLU A 296 39.05 14.21 31.03
N ILE A 297 38.56 13.96 29.82
CA ILE A 297 37.50 12.94 29.63
C ILE A 297 38.07 11.52 29.75
N GLY A 298 39.28 11.32 29.25
CA GLY A 298 39.92 10.01 29.29
C GLY A 298 39.54 9.15 28.09
N ILE A 299 39.33 9.81 26.95
CA ILE A 299 39.10 9.13 25.68
C ILE A 299 39.77 9.94 24.57
N LYS A 300 40.53 9.24 23.74
CA LYS A 300 41.29 9.91 22.69
C LYS A 300 40.43 10.09 21.45
N MET A 301 40.38 11.32 20.97
CA MET A 301 39.72 11.61 19.70
C MET A 301 40.54 11.10 18.52
N VAL A 302 39.86 10.49 17.55
CA VAL A 302 40.47 10.18 16.24
C VAL A 302 39.78 11.08 15.23
N PRO A 303 40.38 12.24 14.92
CA PRO A 303 39.75 13.19 14.01
C PRO A 303 39.95 12.84 12.53
N PHE A 304 38.90 13.04 11.74
CA PHE A 304 38.99 12.92 10.31
C PHE A 304 38.64 14.24 9.65
N GLU A 305 39.39 14.56 8.60
CA GLU A 305 39.04 15.63 7.68
C GLU A 305 37.91 15.06 6.81
N GLU A 306 37.14 15.92 6.15
CA GLU A 306 36.03 15.42 5.32
C GLU A 306 36.52 14.51 4.19
N LEU A 307 35.99 13.29 4.14
CA LEU A 307 36.39 12.32 3.12
C LEU A 307 35.54 12.44 1.86
N VAL A 308 36.21 12.73 0.75
CA VAL A 308 35.57 12.82 -0.56
C VAL A 308 35.96 11.62 -1.43
N TYR A 309 35.06 11.22 -2.32
CA TYR A 309 35.34 10.12 -3.23
C TYR A 309 35.98 10.62 -4.52
N VAL A 310 37.14 10.05 -4.84
CA VAL A 310 37.86 10.39 -6.07
C VAL A 310 37.78 9.20 -7.04
N PRO A 311 36.87 9.29 -8.03
CA PRO A 311 36.60 8.27 -9.02
C PRO A 311 37.83 7.71 -9.75
N GLU A 312 38.80 8.58 -10.05
CA GLU A 312 39.99 8.16 -10.81
C GLU A 312 40.92 7.24 -10.02
N LEU A 313 40.64 7.09 -8.72
CA LEU A 313 41.43 6.21 -7.87
C LEU A 313 40.58 5.09 -7.27
N ASP A 314 39.27 5.33 -7.21
CA ASP A 314 38.31 4.43 -6.53
C ASP A 314 38.65 4.36 -5.03
N GLN A 315 38.95 5.52 -4.46
CA GLN A 315 39.34 5.64 -3.07
C GLN A 315 38.76 6.90 -2.45
N TYR A 316 38.54 6.86 -1.14
CA TYR A 316 38.10 8.04 -0.39
C TYR A 316 39.31 8.74 0.23
N VAL A 317 39.45 10.02 -0.08
CA VAL A 317 40.57 10.83 0.42
C VAL A 317 40.06 12.08 1.14
N GLU A 318 40.82 12.53 2.12
CA GLU A 318 40.44 13.61 3.03
C GLU A 318 40.62 15.03 2.48
N ILE A 319 40.46 15.20 1.17
CA ILE A 319 40.76 16.45 0.45
C ILE A 319 42.25 16.82 0.60
N ASN A 320 43.05 16.47 -0.42
CA ASN A 320 44.49 16.65 -0.37
C ASN A 320 45.09 16.97 -1.75
N GLU A 321 46.42 17.11 -1.79
CA GLU A 321 47.19 17.46 -2.99
C GLU A 321 46.65 18.70 -3.71
N ILE A 337 21.79 15.73 1.38
CA ILE A 337 22.47 15.39 0.13
C ILE A 337 21.90 14.10 -0.47
N ARG A 338 22.32 12.96 0.07
CA ARG A 338 21.89 11.65 -0.41
C ARG A 338 20.39 11.43 -0.20
N GLU A 339 19.86 11.97 0.90
CA GLU A 339 18.44 11.86 1.24
C GLU A 339 17.53 12.36 0.12
N ASN A 340 18.01 13.36 -0.63
CA ASN A 340 17.29 13.91 -1.79
C ASN A 340 17.12 12.95 -2.98
N PHE A 341 17.72 11.76 -2.87
CA PHE A 341 17.60 10.72 -3.88
C PHE A 341 17.09 9.41 -3.28
N LEU A 342 16.95 9.38 -1.96
CA LEU A 342 16.26 8.30 -1.26
C LEU A 342 14.75 8.53 -1.39
N LYS A 343 14.35 9.78 -1.24
CA LYS A 343 12.94 10.13 -1.36
C LYS A 343 12.47 10.11 -2.82
N GLN A 344 13.42 9.83 -3.72
CA GLN A 344 13.15 9.65 -5.16
C GLN A 344 13.28 8.20 -5.60
N GLY A 345 13.73 7.33 -4.69
CA GLY A 345 13.86 5.90 -4.97
C GLY A 345 14.92 5.52 -5.98
N ARG A 346 15.99 6.33 -6.05
CA ARG A 346 17.13 6.10 -6.94
C ARG A 346 18.06 5.05 -6.35
N LYS A 347 18.60 4.18 -7.20
CA LYS A 347 19.45 3.07 -6.74
C LYS A 347 20.94 3.46 -6.65
N LEU A 348 21.53 3.26 -5.47
CA LEU A 348 22.91 3.67 -5.17
C LEU A 348 23.98 2.74 -5.76
N PRO A 349 25.03 3.33 -6.40
CA PRO A 349 26.09 2.57 -7.10
C PRO A 349 27.05 1.84 -6.16
N GLU A 350 27.60 0.73 -6.63
CA GLU A 350 28.40 -0.17 -5.79
C GLU A 350 29.69 0.43 -5.24
N TRP A 351 30.20 1.49 -5.89
CA TRP A 351 31.34 2.23 -5.34
C TRP A 351 30.97 3.07 -4.11
N PHE A 352 29.67 3.36 -3.98
CA PHE A 352 29.17 4.21 -2.89
C PHE A 352 28.61 3.40 -1.72
N THR A 353 27.86 2.36 -2.04
CA THR A 353 27.17 1.55 -1.04
C THR A 353 27.39 0.06 -1.33
N ARG A 354 27.41 -0.75 -0.28
CA ARG A 354 27.38 -2.21 -0.41
C ARG A 354 26.02 -2.65 -0.98
N PRO A 355 26.00 -3.71 -1.80
CA PRO A 355 24.75 -4.12 -2.47
C PRO A 355 23.60 -4.40 -1.49
N GLU A 356 23.92 -5.08 -0.38
CA GLU A 356 22.93 -5.40 0.68
C GLU A 356 22.29 -4.17 1.32
N VAL A 357 23.06 -3.10 1.46
CA VAL A 357 22.53 -1.83 1.99
C VAL A 357 21.65 -1.15 0.93
N ALA A 358 22.11 -1.17 -0.32
CA ALA A 358 21.36 -0.61 -1.44
C ALA A 358 19.99 -1.26 -1.56
N GLU A 359 19.93 -2.59 -1.47
CA GLU A 359 18.64 -3.29 -1.55
C GLU A 359 17.75 -3.10 -0.32
N ILE A 360 18.32 -2.98 0.87
CA ILE A 360 17.52 -2.60 2.05
C ILE A 360 16.89 -1.21 1.87
N LEU A 361 17.67 -0.24 1.41
CA LEU A 361 17.17 1.11 1.14
C LEU A 361 16.14 1.13 0.00
N ALA A 362 16.35 0.30 -1.03
CA ALA A 362 15.39 0.19 -2.13
C ALA A 362 14.08 -0.45 -1.71
N GLU A 363 14.13 -1.35 -0.73
CA GLU A 363 12.93 -1.95 -0.14
C GLU A 363 12.03 -0.87 0.48
N THR A 364 12.62 0.05 1.23
CA THR A 364 11.85 1.08 1.97
C THR A 364 11.63 2.39 1.18
N TYR A 365 12.51 2.65 0.22
CA TYR A 365 12.42 3.81 -0.64
C TYR A 365 12.28 3.34 -2.08
N VAL A 366 11.03 3.16 -2.50
CA VAL A 366 10.74 2.60 -3.81
C VAL A 366 10.87 3.69 -4.88
N PRO A 367 11.05 3.30 -6.16
CA PRO A 367 11.13 4.35 -7.20
C PRO A 367 9.91 5.28 -7.13
N LYS A 368 10.08 6.52 -7.58
CA LYS A 368 9.04 7.54 -7.50
C LYS A 368 7.74 7.08 -8.15
N HIS A 369 7.83 6.47 -9.31
CA HIS A 369 6.65 5.96 -10.02
C HIS A 369 5.97 4.79 -9.29
N LYS A 370 6.54 4.35 -8.18
CA LYS A 370 5.94 3.30 -7.36
C LYS A 370 5.56 3.81 -5.98
N GLN A 371 5.82 5.10 -5.75
CA GLN A 371 5.53 5.72 -4.46
C GLN A 371 4.03 5.95 -4.27
N GLY A 372 3.59 5.89 -3.03
CA GLY A 372 2.18 6.12 -2.72
C GLY A 372 1.87 7.59 -2.74
N PHE A 373 0.64 7.94 -3.09
CA PHE A 373 0.23 9.33 -3.07
C PHE A 373 -1.30 9.46 -2.91
N CYS A 374 -1.75 10.63 -2.46
CA CYS A 374 -3.18 10.87 -2.24
C CYS A 374 -3.66 11.98 -3.14
N VAL A 375 -4.64 11.67 -3.98
CA VAL A 375 -5.33 12.70 -4.74
C VAL A 375 -6.61 13.07 -4.00
N TRP A 376 -6.65 14.29 -3.48
CA TRP A 376 -7.79 14.75 -2.68
C TRP A 376 -8.63 15.79 -3.45
N LEU A 377 -9.78 15.33 -3.95
CA LEU A 377 -10.65 16.20 -4.76
C LEU A 377 -11.68 16.86 -3.87
N THR A 378 -11.50 18.16 -3.70
CA THR A 378 -12.40 18.98 -2.90
C THR A 378 -13.08 19.94 -3.87
N GLY A 379 -14.28 20.37 -3.49
CA GLY A 379 -15.08 21.25 -4.33
C GLY A 379 -16.53 21.09 -3.95
N LEU A 380 -17.37 21.98 -4.49
CA LEU A 380 -18.81 22.00 -4.21
C LEU A 380 -19.54 20.73 -4.67
N PRO A 381 -20.75 20.46 -4.12
CA PRO A 381 -21.55 19.36 -4.66
C PRO A 381 -21.81 19.56 -6.16
N CYS A 382 -21.82 18.46 -6.91
CA CYS A 382 -22.07 18.44 -8.37
C CYS A 382 -20.93 19.02 -9.20
N ALA A 383 -19.90 19.53 -8.53
CA ALA A 383 -18.68 19.98 -9.20
C ALA A 383 -18.14 18.89 -10.12
N GLY A 384 -18.40 17.63 -9.77
CA GLY A 384 -17.97 16.49 -10.55
C GLY A 384 -16.79 15.72 -9.97
N LYS A 385 -16.60 15.83 -8.66
CA LYS A 385 -15.48 15.14 -7.97
C LYS A 385 -15.53 13.64 -8.18
N SER A 386 -16.72 13.04 -8.03
CA SER A 386 -16.85 11.58 -8.11
C SER A 386 -16.61 11.03 -9.52
N THR A 387 -17.19 11.71 -10.51
CA THR A 387 -16.99 11.39 -11.92
C THR A 387 -15.51 11.47 -12.32
N ILE A 388 -14.84 12.54 -11.87
CA ILE A 388 -13.41 12.74 -12.16
C ILE A 388 -12.55 11.66 -11.48
N ALA A 389 -12.83 11.40 -10.21
CA ALA A 389 -12.14 10.38 -9.42
C ALA A 389 -12.26 8.99 -10.01
N GLU A 390 -13.42 8.69 -10.59
CA GLU A 390 -13.66 7.38 -11.16
C GLU A 390 -12.83 7.21 -12.41
N ILE A 391 -12.81 8.24 -13.25
CA ILE A 391 -12.02 8.27 -14.48
C ILE A 391 -10.52 8.15 -14.18
N LEU A 392 -10.06 8.94 -13.22
CA LEU A 392 -8.66 8.96 -12.81
C LEU A 392 -8.24 7.59 -12.29
N ALA A 393 -9.09 7.00 -11.45
CA ALA A 393 -8.87 5.65 -10.94
C ALA A 393 -8.55 4.67 -12.06
N THR A 394 -9.36 4.71 -13.11
CA THR A 394 -9.20 3.83 -14.28
C THR A 394 -7.90 4.09 -15.02
N MET A 395 -7.58 5.37 -15.22
CA MET A 395 -6.34 5.79 -15.88
C MET A 395 -5.12 5.30 -15.11
N LEU A 396 -5.21 5.37 -13.77
CA LEU A 396 -4.12 4.96 -12.88
C LEU A 396 -3.97 3.45 -12.81
N GLN A 397 -5.09 2.76 -12.68
CA GLN A 397 -5.14 1.29 -12.76
C GLN A 397 -4.61 0.75 -14.09
N ALA A 398 -4.88 1.46 -15.18
CA ALA A 398 -4.40 1.05 -16.49
C ALA A 398 -2.89 1.19 -16.59
N ARG A 399 -2.33 2.05 -15.73
CA ARG A 399 -0.89 2.29 -15.72
C ARG A 399 -0.16 1.42 -14.70
N GLY A 400 -0.90 0.55 -14.01
CA GLY A 400 -0.30 -0.43 -13.12
C GLY A 400 -0.22 -0.01 -11.67
N ARG A 401 -1.14 0.86 -11.25
CA ARG A 401 -1.25 1.27 -9.86
C ARG A 401 -2.59 0.80 -9.30
N LYS A 402 -2.55 0.06 -8.19
CA LYS A 402 -3.77 -0.30 -7.48
C LYS A 402 -4.29 0.95 -6.76
N VAL A 403 -5.60 1.15 -6.82
CA VAL A 403 -6.23 2.36 -6.29
C VAL A 403 -7.25 2.02 -5.23
N THR A 404 -7.23 2.80 -4.14
CA THR A 404 -8.32 2.84 -3.19
C THR A 404 -9.13 4.11 -3.51
N LEU A 405 -10.42 3.93 -3.77
CA LEU A 405 -11.27 5.05 -4.13
C LEU A 405 -12.19 5.38 -2.97
N LEU A 406 -11.86 6.48 -2.29
CA LEU A 406 -12.68 6.93 -1.18
C LEU A 406 -13.62 8.04 -1.64
N ASP A 407 -14.58 7.63 -2.47
CA ASP A 407 -15.60 8.53 -2.99
C ASP A 407 -16.77 8.59 -2.02
N GLY A 408 -17.81 9.34 -2.38
CA GLY A 408 -18.94 9.59 -1.50
C GLY A 408 -19.61 8.35 -0.96
N ASP A 409 -19.87 7.39 -1.85
CA ASP A 409 -20.62 6.18 -1.50
C ASP A 409 -19.77 5.19 -0.70
N VAL A 410 -18.50 5.06 -1.08
CA VAL A 410 -17.53 4.25 -0.33
C VAL A 410 -17.34 4.79 1.10
N VAL A 411 -17.17 6.11 1.21
CA VAL A 411 -17.00 6.76 2.51
C VAL A 411 -18.25 6.62 3.39
N ARG A 412 -19.42 6.81 2.79
CA ARG A 412 -20.69 6.80 3.54
C ARG A 412 -21.09 5.40 4.02
N THR A 413 -20.72 4.38 3.25
CA THR A 413 -21.00 3.00 3.62
C THR A 413 -20.06 2.53 4.73
N HIS A 414 -18.77 2.81 4.58
CA HIS A 414 -17.75 2.16 5.41
C HIS A 414 -17.17 3.03 6.51
N LEU A 415 -17.18 4.34 6.33
CA LEU A 415 -16.39 5.23 7.17
C LEU A 415 -17.18 6.24 8.02
N SER A 416 -18.26 6.77 7.48
CA SER A 416 -18.95 7.90 8.10
C SER A 416 -20.31 7.62 8.71
N ARG A 417 -20.78 6.37 8.65
CA ARG A 417 -22.01 5.97 9.35
C ARG A 417 -21.92 6.34 10.83
N GLY A 418 -22.98 6.94 11.36
CA GLY A 418 -22.99 7.43 12.73
C GLY A 418 -22.64 8.90 12.85
N LEU A 419 -22.01 9.44 11.81
CA LEU A 419 -21.72 10.89 11.74
C LEU A 419 -22.85 11.65 11.01
N GLY A 420 -23.16 12.84 11.51
CA GLY A 420 -24.20 13.68 10.93
C GLY A 420 -23.66 14.82 10.07
N PHE A 421 -24.32 15.97 10.14
CA PHE A 421 -23.95 17.12 9.30
C PHE A 421 -23.50 18.38 10.07
N SER A 422 -23.18 18.22 11.35
CA SER A 422 -22.64 19.34 12.13
C SER A 422 -21.18 19.59 11.78
N LYS A 423 -20.74 20.85 11.90
CA LYS A 423 -19.36 21.23 11.61
C LYS A 423 -18.35 20.25 12.20
N GLU A 424 -18.52 19.94 13.49
CA GLU A 424 -17.66 18.96 14.17
C GLU A 424 -17.58 17.62 13.45
N ASP A 425 -18.75 17.06 13.14
CA ASP A 425 -18.85 15.75 12.49
C ASP A 425 -18.29 15.75 11.05
N ARG A 426 -18.39 16.89 10.37
CA ARG A 426 -17.83 17.06 9.05
C ARG A 426 -16.31 17.12 9.11
N ILE A 427 -15.79 17.77 10.14
CA ILE A 427 -14.35 17.83 10.38
C ILE A 427 -13.84 16.45 10.76
N THR A 428 -14.50 15.83 11.74
CA THR A 428 -14.20 14.46 12.14
C THR A 428 -14.15 13.52 10.92
N ASN A 429 -15.10 13.71 9.99
CA ASN A 429 -15.17 12.88 8.78
C ASN A 429 -14.00 13.11 7.81
N ILE A 430 -13.63 14.38 7.63
CA ILE A 430 -12.47 14.76 6.80
C ILE A 430 -11.19 14.16 7.39
N LEU A 431 -11.05 14.26 8.71
CA LEU A 431 -9.87 13.75 9.40
C LEU A 431 -9.79 12.21 9.33
N ARG A 432 -10.95 11.56 9.33
CA ARG A 432 -11.03 10.10 9.27
C ARG A 432 -10.61 9.53 7.90
N VAL A 433 -11.17 10.09 6.83
CA VAL A 433 -10.77 9.74 5.46
C VAL A 433 -9.30 10.08 5.25
N GLY A 434 -8.86 11.20 5.82
CA GLY A 434 -7.44 11.57 5.80
C GLY A 434 -6.55 10.55 6.48
N PHE A 435 -6.96 10.10 7.66
CA PHE A 435 -6.25 9.04 8.37
C PHE A 435 -6.15 7.78 7.52
N VAL A 436 -7.28 7.34 6.98
CA VAL A 436 -7.27 6.16 6.12
C VAL A 436 -6.33 6.34 4.90
N ALA A 437 -6.50 7.43 4.15
CA ALA A 437 -5.58 7.76 3.04
C ALA A 437 -4.10 7.75 3.43
N SER A 438 -3.79 8.29 4.61
CA SER A 438 -2.38 8.36 5.04
C SER A 438 -1.76 6.98 5.25
N GLU A 439 -2.54 6.04 5.79
CA GLU A 439 -2.09 4.67 5.97
C GLU A 439 -1.88 3.97 4.62
N ILE A 440 -2.79 4.21 3.68
CA ILE A 440 -2.62 3.64 2.34
C ILE A 440 -1.35 4.17 1.68
N VAL A 441 -1.14 5.48 1.77
CA VAL A 441 0.07 6.12 1.26
C VAL A 441 1.32 5.54 1.92
N LYS A 442 1.27 5.30 3.23
CA LYS A 442 2.38 4.72 3.96
C LYS A 442 2.85 3.41 3.31
N HIS A 443 1.90 2.67 2.75
CA HIS A 443 2.20 1.38 2.15
C HIS A 443 2.38 1.49 0.63
N ASN A 444 2.61 2.72 0.15
CA ASN A 444 2.81 3.04 -1.27
C ASN A 444 1.61 2.74 -2.17
N GLY A 445 0.42 2.80 -1.58
CA GLY A 445 -0.80 2.72 -2.36
C GLY A 445 -1.20 4.06 -2.91
N VAL A 446 -2.04 4.03 -3.95
CA VAL A 446 -2.67 5.25 -4.48
C VAL A 446 -4.08 5.31 -3.87
N VAL A 447 -4.44 6.48 -3.36
CA VAL A 447 -5.75 6.67 -2.78
C VAL A 447 -6.34 7.95 -3.41
N ILE A 448 -7.54 7.83 -3.97
CA ILE A 448 -8.22 9.00 -4.51
C ILE A 448 -9.40 9.26 -3.60
N CYS A 449 -9.47 10.47 -3.06
CA CYS A 449 -10.56 10.89 -2.20
C CYS A 449 -11.40 11.97 -2.91
N ALA A 450 -12.72 11.84 -2.79
CA ALA A 450 -13.65 12.75 -3.44
C ALA A 450 -14.76 13.14 -2.48
N LEU A 451 -14.50 14.18 -1.68
CA LEU A 451 -15.46 14.70 -0.73
C LEU A 451 -15.51 16.20 -0.91
N VAL A 452 -16.66 16.79 -0.57
CA VAL A 452 -16.77 18.25 -0.55
C VAL A 452 -15.64 18.82 0.31
N SER A 453 -15.38 18.16 1.45
CA SER A 453 -14.41 18.61 2.45
C SER A 453 -14.21 20.13 2.42
N PRO A 454 -15.21 20.87 2.94
CA PRO A 454 -15.30 22.32 2.77
C PRO A 454 -14.38 23.15 3.66
N TYR A 455 -13.89 22.57 4.76
CA TYR A 455 -13.11 23.32 5.73
C TYR A 455 -11.61 23.21 5.46
N ARG A 456 -10.98 24.36 5.26
CA ARG A 456 -9.60 24.46 4.81
C ARG A 456 -8.61 24.00 5.87
N SER A 457 -8.89 24.31 7.13
CA SER A 457 -8.02 23.86 8.22
C SER A 457 -7.97 22.33 8.34
N ALA A 458 -9.10 21.68 8.10
CA ALA A 458 -9.20 20.23 8.15
C ALA A 458 -8.46 19.52 7.00
N ARG A 459 -8.56 20.07 5.78
CA ARG A 459 -7.80 19.54 4.63
C ARG A 459 -6.29 19.71 4.84
N ASN A 460 -5.91 20.85 5.42
CA ASN A 460 -4.52 21.13 5.79
C ASN A 460 -3.96 20.19 6.85
N GLN A 461 -4.81 19.82 7.83
CA GLN A 461 -4.49 18.79 8.81
C GLN A 461 -4.25 17.43 8.14
N VAL A 462 -5.05 17.12 7.13
CA VAL A 462 -4.89 15.90 6.33
C VAL A 462 -3.55 15.91 5.54
N ARG A 463 -3.25 17.00 4.85
CA ARG A 463 -1.92 17.22 4.24
C ARG A 463 -0.77 16.90 5.22
N ASN A 464 -0.85 17.45 6.43
CA ASN A 464 0.17 17.22 7.46
C ASN A 464 0.27 15.77 7.97
N MET A 465 -0.71 14.93 7.65
CA MET A 465 -0.65 13.50 7.96
C MET A 465 0.26 12.73 7.01
N MET A 466 0.69 13.36 5.93
CA MET A 466 1.49 12.68 4.90
C MET A 466 2.82 13.37 4.65
N GLU A 467 3.78 12.65 4.08
CA GLU A 467 5.07 13.24 3.71
C GLU A 467 4.83 14.36 2.70
N GLU A 468 5.65 15.41 2.78
CA GLU A 468 5.63 16.48 1.77
C GLU A 468 5.64 15.88 0.37
N GLY A 469 4.90 16.49 -0.55
CA GLY A 469 4.88 16.03 -1.93
C GLY A 469 3.95 14.88 -2.23
N LYS A 470 3.31 14.31 -1.20
CA LYS A 470 2.46 13.11 -1.39
C LYS A 470 0.95 13.35 -1.31
N PHE A 471 0.55 14.56 -0.98
CA PHE A 471 -0.85 14.95 -0.92
C PHE A 471 -1.13 15.90 -2.07
N ILE A 472 -1.84 15.39 -3.09
CA ILE A 472 -2.20 16.19 -4.26
C ILE A 472 -3.62 16.73 -4.08
N GLU A 473 -3.69 17.97 -3.61
CA GLU A 473 -4.96 18.63 -3.40
C GLU A 473 -5.45 19.18 -4.73
N VAL A 474 -6.63 18.73 -5.13
CA VAL A 474 -7.24 19.16 -6.39
C VAL A 474 -8.52 19.92 -6.12
N PHE A 475 -8.53 21.19 -6.55
CA PHE A 475 -9.71 22.04 -6.49
C PHE A 475 -10.57 21.81 -7.72
N VAL A 476 -11.71 21.16 -7.52
CA VAL A 476 -12.70 20.95 -8.60
C VAL A 476 -13.62 22.18 -8.58
N ASP A 477 -13.28 23.16 -9.40
CA ASP A 477 -13.95 24.48 -9.35
C ASP A 477 -15.14 24.55 -10.28
N ALA A 478 -16.32 24.61 -9.68
CA ALA A 478 -17.57 24.80 -10.39
C ALA A 478 -18.31 25.92 -9.67
N PRO A 479 -19.24 26.62 -10.35
CA PRO A 479 -19.95 27.67 -9.66
C PRO A 479 -20.98 27.08 -8.70
N VAL A 480 -21.54 27.94 -7.85
CA VAL A 480 -22.47 27.52 -6.81
C VAL A 480 -23.74 26.88 -7.36
N GLU A 481 -24.30 27.47 -8.42
CA GLU A 481 -25.55 27.02 -9.02
C GLU A 481 -25.38 25.98 -10.14
N VAL A 482 -24.24 25.28 -10.13
CA VAL A 482 -23.97 24.24 -11.12
C VAL A 482 -24.84 23.00 -10.93
N CYS A 483 -25.39 22.84 -9.71
CA CYS A 483 -26.27 21.74 -9.38
C CYS A 483 -27.58 21.77 -10.18
N GLU A 484 -27.94 22.96 -10.67
CA GLU A 484 -29.16 23.15 -11.46
C GLU A 484 -29.31 22.13 -12.59
N GLU A 485 -28.24 21.95 -13.37
CA GLU A 485 -28.26 21.06 -14.53
C GLU A 485 -27.67 19.68 -14.25
N ARG A 486 -27.05 19.53 -13.08
CA ARG A 486 -26.23 18.35 -12.81
C ARG A 486 -26.77 17.40 -11.74
N ASP A 487 -27.43 17.94 -10.72
CA ASP A 487 -27.98 17.13 -9.61
C ASP A 487 -29.08 16.17 -10.07
N VAL A 488 -28.96 14.92 -9.64
CA VAL A 488 -29.94 13.87 -9.94
C VAL A 488 -30.66 13.43 -8.66
N LYS A 489 -29.93 13.42 -7.55
CA LYS A 489 -30.42 12.90 -6.26
C LYS A 489 -31.56 13.73 -5.64
N GLY A 490 -31.51 15.05 -5.83
CA GLY A 490 -32.62 15.93 -5.44
C GLY A 490 -32.42 16.81 -4.21
N LEU A 491 -31.23 16.78 -3.62
CA LEU A 491 -30.94 17.51 -2.37
C LEU A 491 -30.84 19.03 -2.55
N TYR A 492 -30.26 19.45 -3.67
CA TYR A 492 -30.11 20.87 -4.00
C TYR A 492 -31.46 21.56 -4.17
N LYS A 493 -32.42 20.84 -4.76
CA LYS A 493 -33.79 21.32 -4.93
C LYS A 493 -34.54 21.34 -3.61
N LYS A 494 -34.30 20.35 -2.75
CA LYS A 494 -34.94 20.23 -1.44
C LYS A 494 -34.41 21.26 -0.44
N ALA A 495 -33.12 21.56 -0.54
CA ALA A 495 -32.45 22.54 0.34
C ALA A 495 -32.17 23.85 -0.40
N GLY A 502 -27.19 22.82 6.10
CA GLY A 502 -25.84 22.24 6.10
C GLY A 502 -25.31 21.92 4.72
N PHE A 503 -26.05 22.33 3.69
CA PHE A 503 -25.66 22.14 2.30
C PHE A 503 -24.53 23.11 1.95
N THR A 504 -23.43 22.57 1.42
CA THR A 504 -22.24 23.37 1.12
C THR A 504 -22.38 24.23 -0.14
N GLY A 505 -22.26 25.54 0.04
CA GLY A 505 -22.44 26.50 -1.04
C GLY A 505 -23.77 27.24 -0.94
N VAL A 506 -24.71 26.62 -0.26
CA VAL A 506 -26.06 27.17 -0.10
C VAL A 506 -26.33 27.63 1.34
N ASP A 507 -26.06 26.75 2.30
CA ASP A 507 -26.32 27.04 3.72
C ASP A 507 -25.01 27.34 4.46
N ASP A 508 -24.02 26.45 4.30
CA ASP A 508 -22.72 26.58 4.96
C ASP A 508 -21.62 26.74 3.90
N PRO A 509 -20.79 27.80 4.04
CA PRO A 509 -19.86 28.18 2.96
C PRO A 509 -18.66 27.26 2.75
N TYR A 510 -18.20 27.22 1.51
CA TYR A 510 -17.07 26.42 1.10
C TYR A 510 -15.78 27.26 1.14
N GLU A 511 -14.72 26.67 1.70
CA GLU A 511 -13.41 27.33 1.80
C GLU A 511 -12.45 26.70 0.78
N PRO A 512 -12.19 27.42 -0.33
CA PRO A 512 -11.34 26.86 -1.39
C PRO A 512 -9.87 26.82 -0.97
N PRO A 513 -9.08 25.86 -1.51
CA PRO A 513 -7.66 25.82 -1.17
C PRO A 513 -6.89 27.06 -1.67
N VAL A 514 -5.96 27.53 -0.85
CA VAL A 514 -5.12 28.69 -1.17
C VAL A 514 -4.12 28.35 -2.28
N ALA A 515 -3.52 27.16 -2.22
CA ALA A 515 -2.57 26.72 -3.22
C ALA A 515 -2.72 25.22 -3.48
N PRO A 516 -3.74 24.83 -4.28
CA PRO A 516 -3.85 23.42 -4.61
C PRO A 516 -2.76 23.04 -5.62
N GLU A 517 -2.35 21.77 -5.59
CA GLU A 517 -1.39 21.25 -6.58
C GLU A 517 -2.01 21.36 -7.98
N VAL A 518 -3.29 21.05 -8.08
CA VAL A 518 -4.00 21.08 -9.37
C VAL A 518 -5.31 21.82 -9.21
N ARG A 519 -5.67 22.59 -10.23
CA ARG A 519 -6.98 23.22 -10.28
C ARG A 519 -7.63 22.97 -11.63
N VAL A 520 -8.90 22.56 -11.55
CA VAL A 520 -9.71 22.30 -12.72
C VAL A 520 -11.02 23.09 -12.66
N ASP A 521 -11.18 24.02 -13.61
CA ASP A 521 -12.45 24.70 -13.83
C ASP A 521 -13.33 23.75 -14.62
N THR A 522 -14.45 23.31 -14.04
CA THR A 522 -15.29 22.26 -14.65
C THR A 522 -16.37 22.78 -15.60
N THR A 523 -16.53 24.10 -15.67
CA THR A 523 -17.42 24.69 -16.65
C THR A 523 -16.76 24.78 -18.02
N LYS A 524 -15.46 24.48 -18.07
CA LYS A 524 -14.67 24.57 -19.29
C LYS A 524 -14.11 23.20 -19.67
N LEU A 525 -13.68 22.44 -18.65
CA LEU A 525 -13.12 21.11 -18.86
C LEU A 525 -14.17 20.03 -18.69
N THR A 526 -14.16 19.05 -19.59
CA THR A 526 -14.98 17.84 -19.42
C THR A 526 -14.38 17.00 -18.30
N PRO A 527 -15.19 16.11 -17.66
CA PRO A 527 -14.65 15.31 -16.56
C PRO A 527 -13.39 14.54 -16.97
N GLU A 528 -13.36 14.09 -18.21
CA GLU A 528 -12.21 13.40 -18.79
C GLU A 528 -11.00 14.32 -18.90
N GLU A 529 -11.22 15.55 -19.35
CA GLU A 529 -10.14 16.53 -19.44
C GLU A 529 -9.60 16.94 -18.07
N SER A 530 -10.46 17.02 -17.07
CA SER A 530 -10.06 17.31 -15.69
C SER A 530 -9.15 16.23 -15.14
N ALA A 531 -9.54 14.97 -15.38
CA ALA A 531 -8.75 13.83 -14.94
C ALA A 531 -7.43 13.78 -15.70
N LEU A 532 -7.47 14.08 -16.99
CA LEU A 532 -6.27 14.12 -17.81
C LEU A 532 -5.27 15.15 -17.27
N LYS A 533 -5.78 16.30 -16.82
CA LYS A 533 -4.95 17.34 -16.22
C LYS A 533 -4.29 16.89 -14.90
N ILE A 534 -5.00 16.11 -14.10
CA ILE A 534 -4.41 15.52 -12.89
C ILE A 534 -3.33 14.50 -13.27
N LEU A 535 -3.59 13.72 -14.31
CA LEU A 535 -2.64 12.75 -14.82
C LEU A 535 -1.35 13.45 -15.22
N GLU A 536 -1.50 14.58 -15.92
CA GLU A 536 -0.38 15.37 -16.41
C GLU A 536 0.54 15.81 -15.28
N PHE A 537 -0.05 16.25 -14.17
CA PHE A 537 0.70 16.72 -13.00
C PHE A 537 1.45 15.58 -12.36
N LEU A 538 0.79 14.43 -12.24
CA LEU A 538 1.38 13.24 -11.66
C LEU A 538 2.52 12.71 -12.52
N LYS A 539 2.43 12.90 -13.83
CA LYS A 539 3.52 12.52 -14.75
C LYS A 539 4.70 13.46 -14.56
N LYS A 540 4.40 14.76 -14.43
CA LYS A 540 5.42 15.80 -14.24
C LYS A 540 6.26 15.60 -12.98
N GLU A 541 5.59 15.16 -11.92
CA GLU A 541 6.24 14.89 -10.64
C GLU A 541 6.93 13.53 -10.64
N GLY A 542 6.55 12.68 -11.58
CA GLY A 542 7.18 11.37 -11.71
C GLY A 542 6.51 10.26 -10.92
N PHE A 543 5.34 10.54 -10.35
CA PHE A 543 4.53 9.51 -9.69
C PHE A 543 3.99 8.48 -10.68
N ILE A 544 3.83 8.91 -11.92
CA ILE A 544 3.34 8.06 -12.98
C ILE A 544 4.34 8.15 -14.13
N LYS A 545 4.89 7.00 -14.50
CA LYS A 545 5.86 6.90 -15.57
C LYS A 545 5.12 6.33 -16.77
N ASP A 546 3.87 6.76 -16.92
CA ASP A 546 2.89 6.09 -17.77
C ASP A 546 2.81 4.62 -17.35
N LYS B 3 -34.72 12.46 -26.66
CA LYS B 3 -35.88 12.70 -25.72
C LYS B 3 -36.26 11.40 -25.02
N ILE B 4 -35.25 10.80 -24.40
CA ILE B 4 -35.32 9.52 -23.73
C ILE B 4 -35.97 9.59 -22.33
N LYS B 5 -36.12 10.81 -21.81
CA LYS B 5 -36.66 11.05 -20.46
C LYS B 5 -38.11 10.60 -20.22
N TYR B 6 -38.87 10.40 -21.29
CA TYR B 6 -40.25 9.94 -21.18
C TYR B 6 -40.35 8.42 -21.31
N LEU B 7 -39.24 7.79 -21.66
CA LEU B 7 -39.22 6.35 -21.92
C LEU B 7 -38.91 5.53 -20.66
N LYS B 8 -39.44 4.31 -20.65
CA LYS B 8 -39.09 3.32 -19.65
C LYS B 8 -37.62 2.93 -19.83
N SER B 9 -36.91 2.81 -18.71
CA SER B 9 -35.50 2.49 -18.71
C SER B 9 -35.25 1.10 -18.12
N ILE B 10 -34.33 0.34 -18.71
CA ILE B 10 -33.80 -0.84 -18.04
C ILE B 10 -32.28 -0.79 -17.97
N GLN B 11 -31.72 -1.24 -16.84
CA GLN B 11 -30.28 -1.41 -16.70
C GLN B 11 -29.95 -2.81 -17.21
N ILE B 12 -28.96 -2.91 -18.07
CA ILE B 12 -28.58 -4.19 -18.66
C ILE B 12 -27.29 -4.70 -18.01
N SER B 13 -27.01 -6.00 -18.14
CA SER B 13 -25.81 -6.58 -17.51
C SER B 13 -24.53 -6.10 -18.21
N GLN B 14 -23.37 -6.37 -17.62
CA GLN B 14 -22.09 -6.01 -18.24
C GLN B 14 -21.90 -6.80 -19.53
N ARG B 15 -22.43 -8.04 -19.55
CA ARG B 15 -22.37 -8.87 -20.75
C ARG B 15 -23.16 -8.22 -21.89
N SER B 16 -24.36 -7.71 -21.57
CA SER B 16 -25.22 -7.09 -22.59
C SER B 16 -24.68 -5.77 -23.09
N VAL B 17 -24.00 -5.01 -22.25
CA VAL B 17 -23.35 -3.76 -22.70
C VAL B 17 -22.31 -4.08 -23.81
N LEU B 18 -21.54 -5.14 -23.61
CA LEU B 18 -20.51 -5.62 -24.55
C LEU B 18 -21.09 -6.15 -25.84
N ASP B 19 -22.14 -6.96 -25.75
CA ASP B 19 -22.89 -7.41 -26.93
C ASP B 19 -23.49 -6.20 -27.68
N LEU B 20 -24.15 -5.31 -26.95
CA LEU B 20 -24.67 -4.07 -27.55
C LEU B 20 -23.57 -3.25 -28.28
N GLU B 21 -22.41 -3.11 -27.66
CA GLU B 21 -21.29 -2.36 -28.22
C GLU B 21 -20.81 -2.95 -29.54
N LEU B 22 -20.67 -4.27 -29.55
CA LEU B 22 -20.22 -4.97 -30.75
C LEU B 22 -21.27 -4.98 -31.85
N LEU B 23 -22.55 -5.03 -31.46
CA LEU B 23 -23.64 -4.90 -32.43
C LEU B 23 -23.57 -3.56 -33.12
N ALA B 24 -23.46 -2.50 -32.32
CA ALA B 24 -23.46 -1.12 -32.82
C ALA B 24 -22.30 -0.76 -33.76
N VAL B 25 -21.11 -1.34 -33.54
CA VAL B 25 -19.93 -1.01 -34.36
C VAL B 25 -19.77 -1.93 -35.58
N GLY B 26 -20.69 -2.89 -35.71
CA GLY B 26 -20.74 -3.78 -36.85
C GLY B 26 -19.84 -5.00 -36.74
N ALA B 27 -19.49 -5.38 -35.52
CA ALA B 27 -18.65 -6.55 -35.28
C ALA B 27 -19.42 -7.86 -35.51
N PHE B 28 -20.74 -7.78 -35.45
CA PHE B 28 -21.58 -8.97 -35.58
C PHE B 28 -22.31 -9.03 -36.92
N THR B 29 -22.03 -8.03 -37.77
CA THR B 29 -22.56 -8.00 -39.13
C THR B 29 -22.56 -9.42 -39.69
N PRO B 30 -23.72 -9.89 -40.20
CA PRO B 30 -24.97 -9.21 -40.57
C PRO B 30 -25.93 -8.74 -39.44
N LEU B 31 -25.74 -9.19 -38.21
CA LEU B 31 -26.60 -8.80 -37.08
C LEU B 31 -26.49 -7.33 -36.75
N ASP B 32 -27.62 -6.69 -36.51
CA ASP B 32 -27.62 -5.31 -36.07
C ASP B 32 -28.50 -5.07 -34.86
N ARG B 33 -28.96 -6.15 -34.24
CA ARG B 33 -29.85 -6.04 -33.08
C ARG B 33 -29.80 -7.37 -32.34
N PHE B 34 -30.36 -7.41 -31.12
CA PHE B 34 -30.45 -8.66 -30.37
C PHE B 34 -31.40 -9.62 -31.09
N MET B 35 -31.15 -10.92 -30.98
CA MET B 35 -31.87 -11.88 -31.80
C MET B 35 -33.32 -12.06 -31.36
N GLY B 36 -34.22 -12.03 -32.35
CA GLY B 36 -35.61 -12.41 -32.15
C GLY B 36 -35.74 -13.92 -32.05
N GLU B 37 -36.95 -14.39 -31.78
CA GLU B 37 -37.22 -15.80 -31.51
C GLU B 37 -36.77 -16.74 -32.65
N GLU B 38 -37.11 -16.40 -33.90
CA GLU B 38 -36.80 -17.28 -35.04
C GLU B 38 -35.29 -17.38 -35.32
N ASP B 39 -34.60 -16.24 -35.39
CA ASP B 39 -33.15 -16.24 -35.55
C ASP B 39 -32.53 -17.02 -34.40
N TYR B 40 -32.96 -16.74 -33.16
CA TYR B 40 -32.45 -17.42 -31.96
C TYR B 40 -32.54 -18.94 -32.04
N ARG B 41 -33.74 -19.45 -32.35
CA ARG B 41 -33.97 -20.89 -32.32
C ARG B 41 -33.22 -21.63 -33.42
N ASN B 42 -33.07 -20.99 -34.58
CA ASN B 42 -32.27 -21.58 -35.66
C ASN B 42 -30.76 -21.57 -35.38
N VAL B 43 -30.28 -20.48 -34.77
CA VAL B 43 -28.89 -20.39 -34.31
C VAL B 43 -28.57 -21.51 -33.31
N VAL B 44 -29.46 -21.71 -32.35
CA VAL B 44 -29.32 -22.75 -31.34
C VAL B 44 -29.27 -24.14 -31.97
N GLU B 45 -30.21 -24.41 -32.88
CA GLU B 45 -30.34 -25.72 -33.53
C GLU B 45 -29.33 -25.97 -34.65
N SER B 46 -29.03 -24.95 -35.45
CA SER B 46 -28.32 -25.14 -36.72
C SER B 46 -27.17 -24.20 -36.99
N MET B 47 -26.87 -23.30 -36.06
CA MET B 47 -25.81 -22.28 -36.21
C MET B 47 -26.10 -21.28 -37.35
N ARG B 48 -27.39 -21.11 -37.66
CA ARG B 48 -27.81 -20.28 -38.79
C ARG B 48 -28.94 -19.36 -38.42
N LEU B 49 -28.89 -18.14 -38.94
CA LEU B 49 -29.99 -17.20 -38.85
C LEU B 49 -31.12 -17.75 -39.70
N LYS B 50 -32.34 -17.28 -39.48
CA LYS B 50 -33.47 -17.72 -40.30
C LYS B 50 -33.15 -17.60 -41.80
N SER B 51 -32.47 -16.51 -42.18
CA SER B 51 -32.04 -16.25 -43.55
C SER B 51 -31.18 -17.37 -44.12
N GLY B 52 -30.43 -18.04 -43.25
CA GLY B 52 -29.53 -19.12 -43.66
C GLY B 52 -28.07 -18.73 -43.52
N THR B 53 -27.84 -17.46 -43.20
CA THR B 53 -26.50 -16.95 -42.90
C THR B 53 -25.96 -17.59 -41.62
N LEU B 54 -24.75 -18.12 -41.70
CA LEU B 54 -24.10 -18.74 -40.55
C LEU B 54 -23.90 -17.74 -39.42
N PHE B 55 -24.31 -18.13 -38.22
CA PHE B 55 -24.06 -17.40 -37.00
C PHE B 55 -24.21 -18.36 -35.82
N PRO B 56 -23.08 -18.89 -35.32
CA PRO B 56 -23.00 -20.02 -34.38
C PRO B 56 -23.39 -19.71 -32.93
N ILE B 57 -23.28 -18.45 -32.53
CA ILE B 57 -23.51 -18.04 -31.16
C ILE B 57 -24.74 -17.15 -31.01
N PRO B 58 -25.71 -17.56 -30.16
CA PRO B 58 -26.90 -16.72 -29.92
C PRO B 58 -26.51 -15.47 -29.16
N ILE B 59 -27.03 -14.33 -29.62
CA ILE B 59 -26.84 -13.03 -28.98
C ILE B 59 -28.19 -12.44 -28.60
N THR B 60 -28.55 -12.54 -27.32
CA THR B 60 -29.87 -12.15 -26.86
C THR B 60 -29.79 -11.20 -25.68
N LEU B 61 -30.90 -10.51 -25.42
CA LEU B 61 -31.03 -9.62 -24.28
C LEU B 61 -32.03 -10.18 -23.25
N PRO B 62 -31.50 -10.70 -22.14
CA PRO B 62 -32.31 -11.22 -21.06
C PRO B 62 -33.12 -10.13 -20.36
N MET B 63 -34.23 -10.54 -19.77
CA MET B 63 -35.17 -9.63 -19.15
C MET B 63 -35.89 -10.42 -18.07
N GLU B 64 -35.77 -9.93 -16.84
CA GLU B 64 -36.50 -10.49 -15.69
C GLU B 64 -37.99 -10.48 -15.98
N LYS B 65 -38.65 -11.57 -15.61
CA LYS B 65 -40.11 -11.70 -15.82
C LYS B 65 -40.98 -10.61 -15.17
N GLU B 66 -40.48 -9.96 -14.12
CA GLU B 66 -41.23 -8.88 -13.46
C GLU B 66 -41.22 -7.57 -14.28
N ILE B 67 -40.18 -7.38 -15.08
CA ILE B 67 -40.14 -6.24 -16.01
C ILE B 67 -40.81 -6.60 -17.35
N ALA B 68 -40.57 -7.82 -17.82
CA ALA B 68 -41.14 -8.34 -19.06
C ALA B 68 -42.66 -8.25 -19.10
N LYS B 69 -43.28 -8.56 -17.97
CA LYS B 69 -44.74 -8.58 -17.77
C LYS B 69 -45.43 -7.29 -18.26
N ASP B 70 -44.74 -6.15 -18.09
CA ASP B 70 -45.29 -4.84 -18.41
C ASP B 70 -44.71 -4.22 -19.69
N LEU B 71 -43.76 -4.89 -20.34
CA LEU B 71 -43.31 -4.43 -21.65
C LEU B 71 -44.48 -4.45 -22.64
N LYS B 72 -44.50 -3.50 -23.55
CA LYS B 72 -45.60 -3.37 -24.52
C LYS B 72 -45.07 -3.38 -25.95
N GLU B 73 -45.67 -4.21 -26.82
CA GLU B 73 -45.14 -4.37 -28.19
C GLU B 73 -45.15 -3.03 -28.92
N GLY B 74 -43.99 -2.64 -29.43
CA GLY B 74 -43.87 -1.37 -30.13
C GLY B 74 -43.35 -0.21 -29.28
N GLU B 75 -43.15 -0.42 -27.98
CA GLU B 75 -42.69 0.67 -27.16
C GLU B 75 -41.17 0.80 -27.21
N TRP B 76 -40.68 2.04 -27.12
CA TRP B 76 -39.25 2.28 -27.02
C TRP B 76 -38.78 2.35 -25.58
N ILE B 77 -37.70 1.63 -25.28
CA ILE B 77 -37.11 1.64 -23.96
C ILE B 77 -35.65 2.09 -24.04
N VAL B 78 -35.12 2.59 -22.91
CA VAL B 78 -33.73 3.02 -22.82
C VAL B 78 -32.92 1.89 -22.22
N LEU B 79 -31.91 1.43 -22.96
CA LEU B 79 -30.94 0.49 -22.44
C LEU B 79 -29.83 1.29 -21.78
N ARG B 80 -29.73 1.13 -20.47
CA ARG B 80 -28.74 1.86 -19.65
C ARG B 80 -27.77 0.85 -19.08
N ASP B 81 -26.52 1.29 -18.85
CA ASP B 81 -25.50 0.39 -18.29
C ASP B 81 -25.67 0.26 -16.76
N PRO B 82 -24.87 -0.61 -16.10
CA PRO B 82 -24.95 -0.77 -14.65
C PRO B 82 -24.76 0.52 -13.83
N LYS B 83 -24.18 1.56 -14.42
CA LYS B 83 -24.06 2.86 -13.76
C LYS B 83 -25.13 3.83 -14.20
N ASN B 84 -26.15 3.31 -14.89
CA ASN B 84 -27.30 4.10 -15.34
C ASN B 84 -27.06 5.03 -16.54
N VAL B 85 -25.93 4.88 -17.24
CA VAL B 85 -25.66 5.69 -18.42
C VAL B 85 -26.44 5.14 -19.63
N PRO B 86 -27.21 6.02 -20.31
CA PRO B 86 -28.03 5.58 -21.46
C PRO B 86 -27.19 5.30 -22.71
N LEU B 87 -27.31 4.09 -23.24
CA LEU B 87 -26.47 3.66 -24.35
C LEU B 87 -27.21 3.58 -25.68
N ALA B 88 -28.46 3.13 -25.62
CA ALA B 88 -29.29 2.91 -26.80
C ALA B 88 -30.75 2.98 -26.39
N ILE B 89 -31.63 3.26 -27.35
CA ILE B 89 -33.05 2.97 -27.18
C ILE B 89 -33.41 1.76 -28.04
N MET B 90 -34.37 0.98 -27.59
CA MET B 90 -34.76 -0.22 -28.29
C MET B 90 -36.28 -0.27 -28.39
N ARG B 91 -36.78 -0.62 -29.57
CA ARG B 91 -38.19 -0.90 -29.71
C ARG B 91 -38.42 -2.33 -29.31
N VAL B 92 -39.37 -2.55 -28.40
CA VAL B 92 -39.68 -3.90 -27.94
C VAL B 92 -40.68 -4.56 -28.90
N GLU B 93 -40.15 -5.36 -29.81
CA GLU B 93 -40.95 -5.98 -30.86
C GLU B 93 -41.25 -7.46 -30.53
N GLU B 94 -40.41 -8.04 -29.70
CA GLU B 94 -40.49 -9.46 -29.36
C GLU B 94 -40.05 -9.66 -27.93
N VAL B 95 -40.85 -10.42 -27.19
CA VAL B 95 -40.52 -10.88 -25.85
C VAL B 95 -40.88 -12.34 -25.86
N TYR B 96 -39.90 -13.21 -25.60
CA TYR B 96 -40.12 -14.64 -25.71
C TYR B 96 -39.34 -15.44 -24.67
N LYS B 97 -39.90 -16.57 -24.29
CA LYS B 97 -39.30 -17.45 -23.28
C LYS B 97 -38.26 -18.37 -23.92
N TRP B 98 -37.16 -18.58 -23.21
CA TRP B 98 -36.08 -19.46 -23.63
C TRP B 98 -35.91 -20.60 -22.64
N ASN B 99 -35.21 -21.65 -23.04
CA ASN B 99 -34.96 -22.77 -22.15
C ASN B 99 -33.46 -22.98 -21.93
N LEU B 100 -33.04 -22.93 -20.67
CA LEU B 100 -31.62 -22.91 -20.33
C LEU B 100 -30.90 -24.16 -20.80
N GLU B 101 -31.46 -25.32 -20.47
CA GLU B 101 -30.82 -26.60 -20.75
C GLU B 101 -30.81 -26.92 -22.24
N TYR B 102 -31.86 -26.55 -22.97
CA TYR B 102 -31.86 -26.70 -24.42
C TYR B 102 -30.75 -25.85 -25.05
N GLU B 103 -30.76 -24.55 -24.72
CA GLU B 103 -29.73 -23.63 -25.20
C GLU B 103 -28.32 -24.05 -24.83
N ALA B 104 -28.08 -24.35 -23.55
CA ALA B 104 -26.76 -24.81 -23.10
C ALA B 104 -26.30 -26.08 -23.82
N LYS B 105 -27.14 -27.12 -23.81
CA LYS B 105 -26.84 -28.39 -24.47
C LYS B 105 -26.43 -28.24 -25.95
N ASN B 106 -27.16 -27.41 -26.68
CA ASN B 106 -26.94 -27.24 -28.12
C ASN B 106 -25.79 -26.31 -28.46
N VAL B 107 -25.70 -25.19 -27.75
CA VAL B 107 -24.66 -24.20 -28.00
C VAL B 107 -23.34 -24.62 -27.35
N LEU B 108 -23.40 -25.08 -26.10
CA LEU B 108 -22.19 -25.35 -25.31
C LEU B 108 -21.82 -26.82 -25.27
N GLY B 109 -22.77 -27.70 -25.60
CA GLY B 109 -22.54 -29.16 -25.54
C GLY B 109 -22.73 -29.79 -24.17
N THR B 110 -23.17 -28.98 -23.20
CA THR B 110 -23.23 -29.37 -21.79
C THR B 110 -24.29 -28.55 -21.02
N THR B 111 -24.73 -29.11 -19.89
CA THR B 111 -25.56 -28.40 -18.92
C THR B 111 -24.92 -28.45 -17.52
N ASP B 112 -23.67 -28.90 -17.47
CA ASP B 112 -22.87 -28.92 -16.25
C ASP B 112 -22.56 -27.48 -15.83
N PRO B 113 -23.01 -27.07 -14.62
CA PRO B 113 -22.76 -25.69 -14.14
C PRO B 113 -21.28 -25.37 -13.81
N ARG B 114 -20.40 -26.35 -13.95
CA ARG B 114 -18.96 -26.10 -13.91
C ARG B 114 -18.52 -25.28 -15.13
N HIS B 115 -19.32 -25.37 -16.21
CA HIS B 115 -19.11 -24.48 -17.34
C HIS B 115 -19.46 -23.05 -16.92
N PRO B 116 -18.50 -22.11 -17.04
CA PRO B 116 -18.69 -20.75 -16.51
C PRO B 116 -19.93 -20.06 -17.07
N LEU B 117 -20.24 -20.34 -18.32
CA LEU B 117 -21.40 -19.72 -18.95
C LEU B 117 -22.70 -20.38 -18.48
N VAL B 118 -22.69 -21.70 -18.26
CA VAL B 118 -23.86 -22.36 -17.68
C VAL B 118 -24.23 -21.76 -16.32
N ALA B 119 -23.24 -21.63 -15.44
CA ALA B 119 -23.43 -20.99 -14.14
C ALA B 119 -24.00 -19.58 -14.24
N GLU B 120 -23.52 -18.81 -15.23
CA GLU B 120 -24.00 -17.43 -15.43
C GLU B 120 -25.46 -17.39 -15.92
N MET B 121 -25.80 -18.30 -16.83
CA MET B 121 -27.15 -18.42 -17.41
C MET B 121 -28.26 -18.56 -16.38
N HIS B 122 -27.91 -19.13 -15.22
CA HIS B 122 -28.83 -19.22 -14.10
C HIS B 122 -29.22 -17.88 -13.46
N THR B 123 -28.46 -16.82 -13.76
CA THR B 123 -28.74 -15.49 -13.25
C THR B 123 -29.46 -14.61 -14.28
N TRP B 124 -29.50 -15.07 -15.53
CA TRP B 124 -30.15 -14.38 -16.63
C TRP B 124 -31.65 -14.32 -16.41
N GLY B 125 -32.27 -13.20 -16.76
CA GLY B 125 -33.73 -13.08 -16.73
C GLY B 125 -34.42 -14.09 -17.63
N GLU B 126 -35.62 -14.51 -17.25
CA GLU B 126 -36.30 -15.64 -17.88
C GLU B 126 -36.81 -15.39 -19.31
N TYR B 127 -36.77 -14.14 -19.77
CA TYR B 127 -37.24 -13.81 -21.12
C TYR B 127 -36.17 -13.13 -21.92
N TYR B 128 -36.18 -13.34 -23.24
CA TYR B 128 -35.31 -12.59 -24.13
C TYR B 128 -36.14 -11.54 -24.84
N ILE B 129 -35.55 -10.39 -25.12
CA ILE B 129 -36.26 -9.33 -25.83
C ILE B 129 -35.49 -8.87 -27.06
N SER B 130 -36.23 -8.40 -28.07
CA SER B 130 -35.63 -8.04 -29.34
C SER B 130 -36.36 -6.88 -30.01
N GLY B 131 -35.63 -6.11 -30.79
CA GLY B 131 -36.22 -5.03 -31.58
C GLY B 131 -35.17 -4.10 -32.13
N GLU B 132 -35.62 -3.14 -32.94
CA GLU B 132 -34.73 -2.18 -33.57
C GLU B 132 -33.98 -1.37 -32.52
N LEU B 133 -32.70 -1.14 -32.76
CA LEU B 133 -31.86 -0.33 -31.86
C LEU B 133 -31.52 1.02 -32.45
N LYS B 134 -31.61 2.06 -31.62
CA LYS B 134 -31.04 3.36 -31.95
C LYS B 134 -29.97 3.68 -30.92
N VAL B 135 -28.74 3.87 -31.39
CA VAL B 135 -27.60 4.11 -30.50
C VAL B 135 -27.58 5.56 -30.00
N ILE B 136 -27.42 5.75 -28.69
CA ILE B 136 -27.24 7.07 -28.08
C ILE B 136 -25.75 7.36 -28.03
N GLN B 137 -24.99 6.40 -27.51
CA GLN B 137 -23.53 6.52 -27.41
C GLN B 137 -22.91 5.15 -27.16
N LEU B 138 -21.65 5.00 -27.54
CA LEU B 138 -20.89 3.79 -27.21
C LEU B 138 -20.33 3.91 -25.79
N PRO B 139 -20.09 2.76 -25.13
CA PRO B 139 -19.43 2.83 -23.84
C PRO B 139 -18.10 3.56 -23.98
N LYS B 140 -17.77 4.34 -22.96
CA LYS B 140 -16.59 5.19 -22.98
C LYS B 140 -15.53 4.58 -22.07
N TYR B 141 -14.31 4.49 -22.57
CA TYR B 141 -13.26 3.79 -21.84
C TYR B 141 -12.08 4.71 -21.56
N TYR B 142 -11.47 4.55 -20.39
CA TYR B 142 -10.41 5.46 -19.95
C TYR B 142 -9.16 4.70 -19.54
N ASP B 143 -8.96 3.53 -20.16
CA ASP B 143 -7.77 2.73 -20.00
C ASP B 143 -6.80 2.95 -21.17
N PHE B 144 -7.04 2.26 -22.29
CA PHE B 144 -6.24 2.43 -23.50
C PHE B 144 -7.13 2.69 -24.72
N PRO B 145 -7.74 3.88 -24.78
CA PRO B 145 -8.67 4.15 -25.89
C PRO B 145 -7.99 4.11 -27.27
N GLU B 146 -6.67 4.32 -27.36
CA GLU B 146 -5.95 4.26 -28.65
C GLU B 146 -6.06 2.89 -29.33
N TYR B 147 -6.17 1.83 -28.51
CA TYR B 147 -6.19 0.46 -29.01
C TYR B 147 -7.57 -0.14 -29.10
N ARG B 148 -8.57 0.57 -28.59
CA ARG B 148 -9.96 0.15 -28.68
C ARG B 148 -10.48 0.67 -30.01
N LYS B 149 -10.40 -0.17 -31.04
CA LYS B 149 -10.71 0.24 -32.39
C LYS B 149 -11.94 -0.49 -32.91
N THR B 150 -12.80 0.26 -33.61
CA THR B 150 -13.97 -0.30 -34.28
C THR B 150 -13.55 -1.11 -35.52
N PRO B 151 -14.44 -2.00 -36.04
CA PRO B 151 -14.16 -2.67 -37.32
C PRO B 151 -13.75 -1.69 -38.43
N LYS B 152 -14.39 -0.52 -38.46
CA LYS B 152 -14.10 0.49 -39.47
C LYS B 152 -12.70 1.05 -39.30
N GLN B 153 -12.29 1.30 -38.06
CA GLN B 153 -10.93 1.82 -37.79
C GLN B 153 -9.83 0.83 -38.11
N VAL B 154 -10.10 -0.46 -37.84
CA VAL B 154 -9.12 -1.52 -38.12
C VAL B 154 -8.98 -1.77 -39.63
N ARG B 155 -10.11 -1.76 -40.35
CA ARG B 155 -10.09 -1.92 -41.81
C ARG B 155 -9.32 -0.77 -42.47
N GLU B 156 -9.51 0.43 -41.95
CA GLU B 156 -8.81 1.62 -42.43
C GLU B 156 -7.31 1.63 -42.10
N GLU B 157 -6.93 0.89 -41.07
CA GLU B 157 -5.53 0.76 -40.67
C GLU B 157 -4.81 -0.29 -41.50
N ILE B 158 -5.50 -1.40 -41.80
CA ILE B 158 -5.01 -2.42 -42.73
C ILE B 158 -4.71 -1.76 -44.07
N LYS B 159 -5.70 -1.01 -44.57
CA LYS B 159 -5.56 -0.20 -45.77
C LYS B 159 -4.29 0.66 -45.75
N SER B 160 -4.17 1.50 -44.74
CA SER B 160 -3.07 2.48 -44.65
C SER B 160 -1.69 1.84 -44.75
N LEU B 161 -1.51 0.69 -44.10
CA LEU B 161 -0.24 -0.03 -44.10
C LEU B 161 0.02 -0.75 -45.43
N GLY B 162 -0.97 -0.70 -46.33
CA GLY B 162 -0.84 -1.28 -47.67
C GLY B 162 -0.92 -2.80 -47.68
N LEU B 163 -1.51 -3.35 -46.62
CA LEU B 163 -1.60 -4.80 -46.45
C LEU B 163 -2.78 -5.41 -47.20
N ASP B 164 -2.53 -6.54 -47.87
CA ASP B 164 -3.55 -7.28 -48.60
C ASP B 164 -4.02 -8.53 -47.84
N LYS B 165 -3.12 -9.09 -47.03
CA LYS B 165 -3.41 -10.26 -46.21
C LYS B 165 -3.20 -9.91 -44.75
N ILE B 166 -4.10 -10.38 -43.87
CA ILE B 166 -3.99 -10.13 -42.43
C ILE B 166 -4.41 -11.34 -41.61
N VAL B 167 -3.50 -11.84 -40.76
CA VAL B 167 -3.83 -12.90 -39.82
C VAL B 167 -4.26 -12.29 -38.50
N ALA B 168 -5.33 -12.82 -37.92
CA ALA B 168 -5.84 -12.35 -36.64
C ALA B 168 -5.50 -13.33 -35.53
N PHE B 169 -5.09 -12.78 -34.39
CA PHE B 169 -4.86 -13.58 -33.19
C PHE B 169 -5.87 -13.27 -32.10
N GLN B 170 -6.62 -14.30 -31.70
CA GLN B 170 -7.48 -14.25 -30.51
C GLN B 170 -6.65 -14.64 -29.30
N THR B 171 -6.89 -13.96 -28.18
CA THR B 171 -6.38 -14.39 -26.88
C THR B 171 -7.17 -13.77 -25.72
N ARG B 172 -7.20 -14.50 -24.60
CA ARG B 172 -7.72 -14.03 -23.32
C ARG B 172 -6.64 -14.11 -22.23
N ASN B 173 -5.41 -14.40 -22.63
CA ASN B 173 -4.33 -14.72 -21.71
C ASN B 173 -3.12 -13.81 -21.89
N PRO B 174 -2.26 -13.70 -20.87
CA PRO B 174 -0.99 -13.02 -21.16
C PRO B 174 -0.33 -13.74 -22.33
N MET B 175 0.42 -12.99 -23.15
CA MET B 175 1.15 -13.61 -24.26
C MET B 175 2.59 -13.84 -23.88
N HIS B 176 3.02 -15.09 -23.97
CA HIS B 176 4.39 -15.46 -23.72
C HIS B 176 5.12 -15.63 -25.05
N ARG B 177 6.30 -16.22 -24.98
CA ARG B 177 7.10 -16.35 -26.19
C ARG B 177 6.64 -17.44 -27.14
N VAL B 178 5.82 -18.36 -26.63
CA VAL B 178 5.17 -19.35 -27.47
C VAL B 178 4.11 -18.69 -28.34
N HIS B 179 3.31 -17.78 -27.75
CA HIS B 179 2.29 -17.01 -28.48
C HIS B 179 2.90 -16.01 -29.46
N GLU B 180 4.01 -15.41 -29.07
CA GLU B 180 4.80 -14.56 -29.95
C GLU B 180 5.33 -15.33 -31.20
N GLU B 181 5.86 -16.53 -30.97
CA GLU B 181 6.33 -17.37 -32.08
C GLU B 181 5.18 -17.84 -32.96
N LEU B 182 4.14 -18.37 -32.31
CA LEU B 182 2.87 -18.74 -32.94
C LEU B 182 2.38 -17.72 -33.98
N THR B 183 2.26 -16.46 -33.56
CA THR B 183 1.74 -15.39 -34.41
C THR B 183 2.69 -15.02 -35.56
N LYS B 184 3.99 -15.07 -35.29
CA LYS B 184 4.99 -14.66 -36.27
C LYS B 184 5.23 -15.73 -37.34
N ARG B 185 5.12 -17.00 -36.94
CA ARG B 185 5.14 -18.10 -37.91
C ARG B 185 3.94 -17.99 -38.85
N ALA B 186 2.78 -17.62 -38.29
CA ALA B 186 1.53 -17.46 -39.02
C ALA B 186 1.58 -16.35 -40.08
N MET B 187 2.24 -15.23 -39.77
CA MET B 187 2.46 -14.16 -40.74
C MET B 187 3.23 -14.66 -41.96
N GLU B 188 4.43 -15.20 -41.71
CA GLU B 188 5.33 -15.68 -42.74
C GLU B 188 4.66 -16.73 -43.62
N LYS B 189 3.89 -17.62 -42.98
CA LYS B 189 3.16 -18.69 -43.66
C LYS B 189 2.09 -18.13 -44.62
N VAL B 190 1.18 -17.27 -44.10
CA VAL B 190 0.12 -16.70 -44.95
C VAL B 190 0.63 -15.64 -45.94
N GLY B 191 1.74 -14.97 -45.57
CA GLY B 191 2.36 -13.93 -46.41
C GLY B 191 1.76 -12.55 -46.22
N GLY B 192 1.13 -12.33 -45.06
CA GLY B 192 0.48 -11.03 -44.78
C GLY B 192 0.87 -10.46 -43.43
N GLY B 193 0.16 -9.42 -43.02
CA GLY B 193 0.36 -8.79 -41.73
C GLY B 193 -0.33 -9.54 -40.60
N LEU B 194 -0.44 -8.88 -39.44
CA LEU B 194 -1.01 -9.51 -38.26
C LEU B 194 -1.89 -8.57 -37.43
N LEU B 195 -3.11 -9.02 -37.15
CA LEU B 195 -3.97 -8.34 -36.22
C LEU B 195 -3.92 -9.03 -34.84
N LEU B 196 -3.23 -8.41 -33.90
CA LEU B 196 -3.27 -8.87 -32.53
C LEU B 196 -4.61 -8.36 -31.96
N HIS B 197 -5.49 -9.30 -31.61
CA HIS B 197 -6.87 -8.92 -31.27
C HIS B 197 -7.31 -9.55 -29.95
N PRO B 198 -6.68 -9.13 -28.83
CA PRO B 198 -7.04 -9.70 -27.55
C PRO B 198 -8.42 -9.23 -27.06
N VAL B 199 -9.07 -10.11 -26.29
CA VAL B 199 -10.39 -9.84 -25.73
C VAL B 199 -10.21 -9.13 -24.39
N VAL B 200 -10.89 -7.99 -24.23
CA VAL B 200 -10.82 -7.21 -22.99
C VAL B 200 -12.19 -7.06 -22.30
N GLY B 201 -13.21 -7.67 -22.90
CA GLY B 201 -14.56 -7.59 -22.36
C GLY B 201 -14.80 -8.56 -21.22
N LEU B 202 -15.21 -9.77 -21.55
CA LEU B 202 -15.38 -10.82 -20.55
C LEU B 202 -14.78 -12.09 -21.10
N THR B 203 -14.00 -12.75 -20.27
CA THR B 203 -13.30 -13.95 -20.69
C THR B 203 -13.82 -15.10 -19.82
N LYS B 204 -12.98 -15.58 -18.91
CA LYS B 204 -13.31 -16.68 -18.04
C LYS B 204 -13.01 -16.24 -16.62
N PRO B 205 -13.92 -16.54 -15.67
CA PRO B 205 -13.64 -16.25 -14.25
C PRO B 205 -12.27 -16.73 -13.79
N GLY B 206 -11.49 -15.83 -13.20
CA GLY B 206 -10.17 -16.19 -12.68
C GLY B 206 -9.03 -15.96 -13.67
N ASP B 207 -9.33 -15.34 -14.81
CA ASP B 207 -8.25 -14.94 -15.73
C ASP B 207 -7.40 -13.82 -15.11
N VAL B 208 -6.27 -13.55 -15.74
CA VAL B 208 -5.42 -12.45 -15.31
C VAL B 208 -6.25 -11.18 -15.52
N ASP B 209 -6.16 -10.22 -14.59
CA ASP B 209 -7.00 -9.02 -14.68
C ASP B 209 -6.73 -8.27 -15.96
N VAL B 210 -7.76 -7.60 -16.50
CA VAL B 210 -7.66 -6.95 -17.79
C VAL B 210 -6.56 -5.91 -17.91
N TYR B 211 -6.32 -5.13 -16.86
CA TYR B 211 -5.28 -4.11 -16.90
C TYR B 211 -3.88 -4.69 -17.10
N THR B 212 -3.53 -5.69 -16.30
CA THR B 212 -2.27 -6.44 -16.45
C THR B 212 -2.15 -6.98 -17.88
N ARG B 213 -3.20 -7.62 -18.37
CA ARG B 213 -3.18 -8.16 -19.72
C ARG B 213 -3.01 -7.08 -20.80
N MET B 214 -3.80 -6.01 -20.71
CA MET B 214 -3.64 -4.91 -21.65
C MET B 214 -2.23 -4.34 -21.66
N ARG B 215 -1.60 -4.18 -20.48
CA ARG B 215 -0.24 -3.66 -20.36
C ARG B 215 0.76 -4.61 -21.05
N ILE B 216 0.52 -5.91 -20.89
CA ILE B 216 1.33 -6.94 -21.52
C ILE B 216 1.27 -6.85 -23.05
N TYR B 217 0.06 -6.76 -23.60
CA TYR B 217 -0.16 -6.64 -25.05
C TYR B 217 0.45 -5.36 -25.62
N LYS B 218 0.26 -4.26 -24.90
CA LYS B 218 0.84 -2.97 -25.27
C LYS B 218 2.38 -3.00 -25.32
N VAL B 219 3.04 -3.49 -24.26
CA VAL B 219 4.51 -3.51 -24.21
C VAL B 219 5.12 -4.47 -25.24
N LEU B 220 4.42 -5.57 -25.50
CA LEU B 220 4.91 -6.61 -26.38
C LEU B 220 4.80 -6.17 -27.84
N TYR B 221 3.71 -5.47 -28.16
CA TYR B 221 3.48 -4.89 -29.48
C TYR B 221 4.49 -3.79 -29.82
N GLU B 222 4.65 -2.84 -28.90
CA GLU B 222 5.50 -1.66 -29.12
C GLU B 222 7.00 -1.99 -29.18
N LYS B 223 7.40 -3.05 -28.49
CA LYS B 223 8.81 -3.38 -28.33
C LYS B 223 9.29 -4.56 -29.19
N TYR B 224 8.39 -5.44 -29.57
CA TYR B 224 8.80 -6.70 -30.20
C TYR B 224 8.20 -6.99 -31.58
N TYR B 225 7.25 -6.17 -32.01
CA TYR B 225 6.61 -6.37 -33.31
C TYR B 225 6.95 -5.30 -34.35
N ASP B 226 7.03 -5.73 -35.61
CA ASP B 226 7.20 -4.83 -36.76
C ASP B 226 5.90 -4.06 -37.04
N LYS B 227 5.95 -2.73 -36.88
CA LYS B 227 4.76 -1.87 -36.97
C LYS B 227 4.22 -1.62 -38.36
N LYS B 228 4.94 -2.11 -39.38
CA LYS B 228 4.47 -1.96 -40.76
C LYS B 228 3.57 -3.14 -41.11
N LYS B 229 3.71 -4.21 -40.35
CA LYS B 229 3.01 -5.45 -40.61
C LYS B 229 2.05 -5.85 -39.49
N THR B 230 2.09 -5.13 -38.37
CA THR B 230 1.30 -5.51 -37.19
C THR B 230 0.35 -4.42 -36.71
N ILE B 231 -0.88 -4.84 -36.40
CA ILE B 231 -1.90 -4.00 -35.77
C ILE B 231 -2.28 -4.62 -34.44
N LEU B 232 -2.28 -3.79 -33.40
CA LEU B 232 -2.87 -4.16 -32.11
C LEU B 232 -4.23 -3.47 -31.92
N ALA B 233 -5.23 -4.25 -31.53
CA ALA B 233 -6.57 -3.74 -31.27
C ALA B 233 -7.27 -4.56 -30.17
N PHE B 234 -7.93 -3.89 -29.23
CA PHE B 234 -8.60 -4.56 -28.09
C PHE B 234 -10.06 -4.84 -28.44
N LEU B 235 -10.48 -6.09 -28.25
CA LEU B 235 -11.84 -6.51 -28.58
C LEU B 235 -12.72 -6.60 -27.33
N PRO B 236 -13.74 -5.74 -27.21
CA PRO B 236 -14.69 -5.76 -26.09
C PRO B 236 -15.71 -6.90 -26.18
N LEU B 237 -15.21 -8.11 -26.38
CA LEU B 237 -16.08 -9.28 -26.56
C LEU B 237 -16.37 -9.90 -25.22
N ALA B 238 -17.62 -10.29 -25.04
CA ALA B 238 -18.02 -11.10 -23.92
C ALA B 238 -18.00 -12.55 -24.41
N MET B 239 -16.92 -13.24 -24.09
CA MET B 239 -16.75 -14.61 -24.50
C MET B 239 -17.84 -15.50 -23.92
N ARG B 240 -18.20 -16.52 -24.69
CA ARG B 240 -19.09 -17.55 -24.23
C ARG B 240 -18.31 -18.77 -23.70
N MET B 241 -17.04 -18.87 -24.07
CA MET B 241 -16.21 -20.08 -23.81
C MET B 241 -16.87 -21.32 -24.40
N ALA B 242 -17.36 -21.19 -25.64
CA ALA B 242 -18.10 -22.24 -26.33
C ALA B 242 -17.27 -23.05 -27.34
N GLY B 243 -15.95 -23.14 -27.11
CA GLY B 243 -15.09 -24.00 -27.95
C GLY B 243 -15.26 -23.84 -29.46
N PRO B 244 -15.61 -24.94 -30.18
CA PRO B 244 -15.83 -24.89 -31.64
C PRO B 244 -16.83 -23.85 -32.15
N ARG B 245 -18.01 -23.75 -31.55
CA ARG B 245 -18.99 -22.71 -31.97
C ARG B 245 -18.41 -21.31 -31.81
N GLU B 246 -17.72 -21.06 -30.71
CA GLU B 246 -17.10 -19.77 -30.51
C GLU B 246 -15.92 -19.52 -31.47
N ALA B 247 -15.16 -20.58 -31.79
CA ALA B 247 -14.12 -20.47 -32.80
C ALA B 247 -14.69 -19.91 -34.11
N LEU B 248 -15.74 -20.54 -34.64
CA LEU B 248 -16.47 -20.01 -35.81
C LEU B 248 -16.86 -18.54 -35.65
N TRP B 249 -17.52 -18.25 -34.53
CA TRP B 249 -17.91 -16.90 -34.15
C TRP B 249 -16.74 -15.91 -34.23
N HIS B 250 -15.61 -16.27 -33.62
CA HIS B 250 -14.38 -15.48 -33.72
C HIS B 250 -13.99 -15.18 -35.16
N GLY B 251 -14.15 -16.17 -36.04
CA GLY B 251 -13.83 -16.01 -37.46
C GLY B 251 -14.65 -14.95 -38.13
N ILE B 252 -15.96 -14.97 -37.86
CA ILE B 252 -16.89 -13.99 -38.40
C ILE B 252 -16.54 -12.59 -37.88
N ILE B 253 -16.31 -12.48 -36.57
CA ILE B 253 -15.97 -11.21 -35.96
C ILE B 253 -14.72 -10.63 -36.60
N ARG B 254 -13.64 -11.40 -36.58
CA ARG B 254 -12.35 -10.95 -37.12
C ARG B 254 -12.41 -10.59 -38.60
N ARG B 255 -13.25 -11.30 -39.37
CA ARG B 255 -13.55 -10.93 -40.75
C ARG B 255 -14.16 -9.53 -40.87
N ASN B 256 -15.12 -9.21 -39.99
CA ASN B 256 -15.75 -7.88 -39.97
C ASN B 256 -14.78 -6.76 -39.62
N TYR B 257 -13.69 -7.13 -38.92
CA TYR B 257 -12.57 -6.22 -38.65
C TYR B 257 -11.54 -6.15 -39.80
N GLY B 258 -11.76 -6.94 -40.83
CA GLY B 258 -10.92 -6.92 -42.04
C GLY B 258 -9.88 -8.01 -42.15
N ALA B 259 -9.93 -9.00 -41.26
CA ALA B 259 -9.01 -10.13 -41.31
C ALA B 259 -9.40 -11.08 -42.43
N THR B 260 -8.37 -11.56 -43.15
CA THR B 260 -8.51 -12.56 -44.20
C THR B 260 -8.18 -13.94 -43.64
N HIS B 261 -7.41 -13.95 -42.54
CA HIS B 261 -6.96 -15.18 -41.90
C HIS B 261 -7.13 -15.13 -40.40
N PHE B 262 -7.40 -16.28 -39.80
CA PHE B 262 -7.62 -16.36 -38.35
C PHE B 262 -6.89 -17.55 -37.75
N ILE B 263 -6.09 -17.28 -36.72
CA ILE B 263 -5.33 -18.31 -36.02
C ILE B 263 -6.26 -19.11 -35.10
N VAL B 264 -6.15 -20.43 -35.20
CA VAL B 264 -6.80 -21.35 -34.28
C VAL B 264 -5.73 -22.32 -33.84
N GLY B 265 -5.52 -22.44 -32.53
CA GLY B 265 -4.55 -23.40 -32.02
C GLY B 265 -5.25 -24.55 -31.29
N ARG B 266 -4.53 -25.09 -30.32
CA ARG B 266 -5.06 -26.10 -29.42
C ARG B 266 -6.11 -25.49 -28.48
N ASP B 267 -7.16 -26.27 -28.19
CA ASP B 267 -8.17 -25.95 -27.15
C ASP B 267 -8.77 -24.54 -27.24
N HIS B 268 -9.01 -24.09 -28.47
CA HIS B 268 -9.50 -22.73 -28.77
C HIS B 268 -10.85 -22.44 -28.11
N ALA B 269 -10.90 -21.34 -27.36
CA ALA B 269 -12.13 -20.82 -26.67
C ALA B 269 -12.77 -21.80 -25.69
N SER B 270 -11.96 -22.66 -25.10
CA SER B 270 -12.42 -23.71 -24.21
C SER B 270 -12.20 -23.35 -22.73
N PRO B 271 -13.21 -23.66 -21.86
CA PRO B 271 -13.09 -23.39 -20.42
C PRO B 271 -12.42 -24.51 -19.62
N GLY B 272 -12.10 -25.62 -20.28
CA GLY B 272 -11.39 -26.72 -19.62
C GLY B 272 -12.22 -27.98 -19.47
N LYS B 273 -12.40 -28.41 -18.22
CA LYS B 273 -13.05 -29.69 -17.91
C LYS B 273 -14.27 -29.56 -17.00
N ASP B 274 -15.21 -30.50 -17.12
CA ASP B 274 -16.45 -30.47 -16.36
C ASP B 274 -16.32 -31.07 -14.96
N SER B 275 -17.44 -31.11 -14.23
CA SER B 275 -17.47 -31.65 -12.88
C SER B 275 -17.16 -33.15 -12.81
N LYS B 276 -17.03 -33.81 -13.97
CA LYS B 276 -16.61 -35.21 -14.03
C LYS B 276 -15.12 -35.31 -14.37
N GLY B 277 -14.49 -34.17 -14.66
CA GLY B 277 -13.10 -34.13 -15.12
C GLY B 277 -12.95 -34.28 -16.62
N LYS B 278 -14.08 -34.38 -17.33
CA LYS B 278 -14.09 -34.56 -18.78
C LYS B 278 -13.92 -33.22 -19.50
N PRO B 279 -12.96 -33.15 -20.44
CA PRO B 279 -12.74 -31.94 -21.25
C PRO B 279 -14.01 -31.54 -21.98
N PHE B 280 -14.37 -30.25 -21.94
CA PHE B 280 -15.62 -29.79 -22.54
C PHE B 280 -15.64 -30.04 -24.04
N TYR B 281 -14.48 -29.85 -24.67
CA TYR B 281 -14.34 -30.06 -26.11
C TYR B 281 -13.04 -30.83 -26.41
N ASP B 282 -13.04 -31.56 -27.52
CA ASP B 282 -11.83 -32.20 -28.01
C ASP B 282 -10.83 -31.14 -28.47
N PRO B 283 -9.53 -31.35 -28.20
CA PRO B 283 -8.51 -30.31 -28.40
C PRO B 283 -8.45 -29.66 -29.79
N TYR B 284 -8.99 -30.35 -30.80
CA TYR B 284 -8.92 -29.89 -32.19
C TYR B 284 -10.30 -29.93 -32.88
N GLU B 285 -11.33 -30.07 -32.07
CA GLU B 285 -12.73 -30.03 -32.49
C GLU B 285 -13.10 -28.68 -33.13
N ALA B 286 -12.45 -27.62 -32.64
CA ALA B 286 -12.63 -26.24 -33.12
C ALA B 286 -12.02 -26.04 -34.51
N GLN B 287 -10.77 -26.48 -34.68
CA GLN B 287 -10.09 -26.49 -35.98
C GLN B 287 -10.93 -27.24 -37.00
N GLU B 288 -11.45 -28.38 -36.57
CA GLU B 288 -12.28 -29.26 -37.40
C GLU B 288 -13.54 -28.57 -37.94
N LEU B 289 -14.36 -28.05 -37.03
CA LEU B 289 -15.55 -27.29 -37.40
C LEU B 289 -15.19 -26.11 -38.30
N PHE B 290 -14.14 -25.36 -37.90
CA PHE B 290 -13.73 -24.16 -38.64
C PHE B 290 -13.38 -24.43 -40.11
N LYS B 291 -12.62 -25.50 -40.37
CA LYS B 291 -12.21 -25.83 -41.73
C LYS B 291 -13.41 -26.20 -42.60
N LYS B 292 -14.40 -26.83 -41.98
CA LYS B 292 -15.67 -27.19 -42.63
C LYS B 292 -16.46 -25.93 -43.07
N TYR B 293 -16.30 -24.84 -42.33
CA TYR B 293 -17.05 -23.61 -42.63
C TYR B 293 -16.22 -22.42 -43.14
N GLU B 294 -14.89 -22.60 -43.21
CA GLU B 294 -13.99 -21.47 -43.50
C GLU B 294 -14.32 -20.70 -44.79
N ASP B 295 -14.71 -21.45 -45.84
CA ASP B 295 -15.10 -20.87 -47.14
C ASP B 295 -16.40 -20.02 -47.09
N GLU B 296 -17.44 -20.66 -46.39
CA GLU B 296 -18.71 -19.95 -46.20
C GLU B 296 -18.54 -18.63 -45.44
N ILE B 297 -17.67 -18.63 -44.43
CA ILE B 297 -17.43 -17.41 -43.63
C ILE B 297 -16.61 -16.38 -44.43
N GLY B 298 -15.67 -16.88 -45.23
CA GLY B 298 -14.75 -16.01 -45.97
C GLY B 298 -13.55 -15.58 -45.14
N ILE B 299 -13.08 -16.47 -44.28
CA ILE B 299 -11.85 -16.24 -43.54
C ILE B 299 -11.09 -17.56 -43.42
N LYS B 300 -9.81 -17.52 -43.78
CA LYS B 300 -8.99 -18.72 -43.85
C LYS B 300 -8.34 -19.05 -42.49
N MET B 301 -8.50 -20.30 -42.05
CA MET B 301 -7.86 -20.75 -40.81
C MET B 301 -6.36 -21.06 -40.95
N VAL B 302 -5.57 -20.50 -40.04
CA VAL B 302 -4.15 -20.80 -39.92
C VAL B 302 -4.01 -21.69 -38.68
N PRO B 303 -4.11 -23.03 -38.87
CA PRO B 303 -4.15 -23.92 -37.72
C PRO B 303 -2.76 -24.23 -37.13
N PHE B 304 -2.70 -24.42 -35.83
CA PHE B 304 -1.48 -24.87 -35.18
C PHE B 304 -1.77 -26.05 -34.27
N GLU B 305 -0.88 -27.03 -34.31
CA GLU B 305 -0.84 -28.04 -33.27
C GLU B 305 -0.11 -27.41 -32.10
N GLU B 306 -0.25 -27.99 -30.92
CA GLU B 306 0.38 -27.50 -29.70
C GLU B 306 1.89 -27.33 -29.88
N LEU B 307 2.36 -26.08 -29.76
CA LEU B 307 3.78 -25.78 -29.85
C LEU B 307 4.44 -25.99 -28.50
N VAL B 308 5.64 -26.55 -28.52
CA VAL B 308 6.42 -26.84 -27.32
C VAL B 308 7.83 -26.24 -27.42
N TYR B 309 8.47 -26.00 -26.28
CA TYR B 309 9.84 -25.48 -26.24
C TYR B 309 10.84 -26.61 -26.21
N VAL B 310 11.84 -26.52 -27.08
CA VAL B 310 12.93 -27.51 -27.13
C VAL B 310 14.25 -26.80 -26.82
N PRO B 311 14.79 -27.02 -25.61
CA PRO B 311 16.06 -26.42 -25.13
C PRO B 311 17.23 -26.64 -26.07
N GLU B 312 17.28 -27.82 -26.71
CA GLU B 312 18.34 -28.20 -27.64
C GLU B 312 18.35 -27.25 -28.85
N LEU B 313 17.16 -26.82 -29.26
CA LEU B 313 17.00 -25.92 -30.40
C LEU B 313 16.86 -24.45 -29.98
N ASP B 314 16.39 -24.22 -28.74
CA ASP B 314 16.04 -22.89 -28.23
C ASP B 314 14.98 -22.21 -29.12
N GLN B 315 14.00 -23.00 -29.52
CA GLN B 315 12.95 -22.59 -30.43
C GLN B 315 11.67 -23.33 -30.08
N TYR B 316 10.54 -22.77 -30.52
CA TYR B 316 9.24 -23.38 -30.29
C TYR B 316 8.78 -24.11 -31.54
N VAL B 317 8.68 -25.44 -31.41
CA VAL B 317 8.28 -26.30 -32.54
C VAL B 317 6.91 -26.92 -32.29
N GLU B 318 6.29 -27.44 -33.35
CA GLU B 318 5.07 -28.24 -33.24
C GLU B 318 5.37 -29.53 -32.46
N ILE B 319 4.36 -30.04 -31.74
CA ILE B 319 4.51 -31.24 -30.92
C ILE B 319 5.20 -32.40 -31.65
N ASN B 320 4.85 -32.58 -32.94
CA ASN B 320 5.47 -33.59 -33.79
C ASN B 320 6.92 -33.21 -34.13
N GLU B 321 7.85 -33.72 -33.33
CA GLU B 321 9.27 -33.39 -33.46
C GLU B 321 10.13 -34.57 -32.95
N ILE B 337 0.55 -25.19 -16.33
CA ILE B 337 1.92 -24.88 -16.74
C ILE B 337 2.61 -23.97 -15.73
N ARG B 338 2.44 -22.65 -15.91
CA ARG B 338 3.14 -21.64 -15.11
C ARG B 338 2.62 -21.54 -13.68
N GLU B 339 2.63 -22.68 -12.98
CA GLU B 339 2.02 -22.82 -11.65
C GLU B 339 3.04 -22.73 -10.51
N ASN B 340 4.32 -22.86 -10.87
CA ASN B 340 5.42 -22.71 -9.92
C ASN B 340 5.93 -21.26 -9.89
N PHE B 341 5.51 -20.48 -10.88
CA PHE B 341 5.99 -19.12 -11.09
C PHE B 341 5.03 -18.03 -10.59
N LEU B 342 3.76 -18.11 -11.01
CA LEU B 342 2.77 -17.06 -10.64
C LEU B 342 2.35 -17.06 -9.17
N LYS B 343 2.39 -18.23 -8.52
CA LYS B 343 2.03 -18.35 -7.10
C LYS B 343 3.10 -17.68 -6.21
N GLN B 344 3.28 -18.19 -4.99
CA GLN B 344 4.35 -17.72 -4.10
C GLN B 344 5.69 -17.58 -4.83
N GLY B 345 5.84 -18.32 -5.93
CA GLY B 345 7.03 -18.27 -6.77
C GLY B 345 7.26 -16.96 -7.50
N ARG B 346 8.16 -17.01 -8.49
CA ARG B 346 8.77 -15.79 -9.04
C ARG B 346 8.96 -15.76 -10.57
N LYS B 347 9.87 -14.91 -11.02
CA LYS B 347 9.92 -14.42 -12.41
C LYS B 347 10.26 -15.49 -13.44
N LEU B 348 9.53 -15.45 -14.54
CA LEU B 348 9.68 -16.41 -15.63
C LEU B 348 10.97 -16.13 -16.40
N PRO B 349 11.59 -17.19 -16.94
CA PRO B 349 12.86 -17.03 -17.64
C PRO B 349 12.72 -16.49 -19.06
N GLU B 350 13.76 -15.79 -19.50
CA GLU B 350 13.81 -15.12 -20.80
C GLU B 350 13.34 -15.95 -21.99
N TRP B 351 13.65 -17.26 -22.00
CA TRP B 351 13.21 -18.16 -23.06
C TRP B 351 11.72 -18.57 -23.00
N PHE B 352 11.05 -18.26 -21.88
CA PHE B 352 9.59 -18.50 -21.77
C PHE B 352 8.74 -17.22 -21.92
N THR B 353 9.28 -16.12 -21.40
CA THR B 353 8.58 -14.85 -21.39
C THR B 353 9.56 -13.70 -21.56
N ARG B 354 9.18 -12.72 -22.37
CA ARG B 354 9.91 -11.46 -22.53
C ARG B 354 10.02 -10.76 -21.17
N PRO B 355 11.19 -10.18 -20.86
CA PRO B 355 11.44 -9.57 -19.56
C PRO B 355 10.39 -8.54 -19.13
N GLU B 356 9.92 -7.72 -20.08
CA GLU B 356 8.96 -6.66 -19.79
C GLU B 356 7.63 -7.24 -19.33
N VAL B 357 7.27 -8.39 -19.91
CA VAL B 357 6.03 -9.08 -19.56
C VAL B 357 6.14 -9.75 -18.21
N ALA B 358 7.25 -10.45 -17.98
CA ALA B 358 7.57 -11.07 -16.69
C ALA B 358 7.55 -10.04 -15.56
N GLU B 359 8.12 -8.87 -15.82
CA GLU B 359 8.13 -7.75 -14.87
C GLU B 359 6.71 -7.29 -14.54
N ILE B 360 5.86 -7.15 -15.55
CA ILE B 360 4.44 -6.77 -15.35
C ILE B 360 3.72 -7.84 -14.53
N LEU B 361 3.95 -9.11 -14.85
CA LEU B 361 3.39 -10.21 -14.08
C LEU B 361 3.86 -10.18 -12.63
N ALA B 362 5.13 -9.82 -12.42
CA ALA B 362 5.74 -9.85 -11.09
C ALA B 362 5.23 -8.71 -10.20
N GLU B 363 4.79 -7.62 -10.83
CA GLU B 363 4.14 -6.50 -10.14
C GLU B 363 2.75 -6.92 -9.67
N THR B 364 2.06 -7.73 -10.49
CA THR B 364 0.70 -8.14 -10.23
C THR B 364 0.68 -9.33 -9.26
N TYR B 365 1.56 -10.28 -9.52
CA TYR B 365 1.65 -11.49 -8.73
C TYR B 365 2.95 -11.46 -7.95
N VAL B 366 2.94 -10.75 -6.82
CA VAL B 366 4.15 -10.59 -6.02
C VAL B 366 4.42 -11.85 -5.19
N PRO B 367 5.70 -12.11 -4.84
CA PRO B 367 6.00 -13.28 -4.00
C PRO B 367 5.24 -13.18 -2.68
N LYS B 368 5.05 -14.31 -2.00
CA LYS B 368 4.19 -14.35 -0.81
C LYS B 368 4.80 -13.61 0.38
N HIS B 369 6.13 -13.45 0.38
CA HIS B 369 6.84 -12.71 1.42
C HIS B 369 6.90 -11.21 1.10
N LYS B 370 6.16 -10.80 0.08
CA LYS B 370 6.00 -9.38 -0.23
C LYS B 370 4.52 -9.05 -0.38
N GLN B 371 3.66 -10.01 -0.01
CA GLN B 371 2.21 -9.86 -0.08
C GLN B 371 1.69 -9.24 1.21
N GLY B 372 0.57 -8.53 1.12
CA GLY B 372 -0.07 -7.98 2.30
C GLY B 372 -0.82 -9.06 3.06
N PHE B 373 -1.07 -8.81 4.33
CA PHE B 373 -1.87 -9.73 5.15
C PHE B 373 -2.36 -8.99 6.38
N CYS B 374 -3.46 -9.46 6.94
CA CYS B 374 -4.07 -8.88 8.12
C CYS B 374 -3.98 -9.83 9.30
N VAL B 375 -3.23 -9.43 10.33
CA VAL B 375 -3.23 -10.22 11.56
C VAL B 375 -4.32 -9.63 12.46
N TRP B 376 -5.39 -10.38 12.63
CA TRP B 376 -6.54 -9.93 13.42
C TRP B 376 -6.49 -10.66 14.76
N LEU B 377 -6.28 -9.90 15.83
CA LEU B 377 -6.19 -10.48 17.17
C LEU B 377 -7.50 -10.25 17.89
N THR B 378 -8.16 -11.36 18.23
CA THR B 378 -9.45 -11.35 18.89
C THR B 378 -9.37 -12.13 20.20
N GLY B 379 -10.05 -11.59 21.23
CA GLY B 379 -10.09 -12.25 22.53
C GLY B 379 -10.67 -11.34 23.60
N LEU B 380 -10.84 -11.92 24.79
CA LEU B 380 -11.42 -11.21 25.92
C LEU B 380 -10.62 -9.97 26.36
N PRO B 381 -11.28 -8.99 26.98
CA PRO B 381 -10.52 -7.87 27.56
C PRO B 381 -9.36 -8.40 28.42
N CYS B 382 -8.21 -7.74 28.36
CA CYS B 382 -7.01 -8.12 29.12
C CYS B 382 -6.40 -9.50 28.73
N ALA B 383 -6.94 -10.14 27.69
CA ALA B 383 -6.35 -11.38 27.11
C ALA B 383 -4.90 -11.19 26.67
N GLY B 384 -4.57 -9.95 26.30
CA GLY B 384 -3.23 -9.57 25.95
C GLY B 384 -3.07 -9.19 24.49
N LYS B 385 -4.15 -8.77 23.83
CA LYS B 385 -4.12 -8.49 22.39
C LYS B 385 -3.18 -7.33 22.02
N SER B 386 -3.26 -6.22 22.75
CA SER B 386 -2.45 -5.03 22.51
C SER B 386 -0.96 -5.31 22.70
N THR B 387 -0.63 -6.04 23.75
CA THR B 387 0.76 -6.34 24.08
C THR B 387 1.37 -7.19 22.97
N ILE B 388 0.65 -8.25 22.59
CA ILE B 388 1.08 -9.14 21.53
C ILE B 388 1.22 -8.41 20.19
N ALA B 389 0.22 -7.58 19.86
CA ALA B 389 0.19 -6.73 18.65
C ALA B 389 1.41 -5.84 18.55
N GLU B 390 1.68 -5.11 19.63
CA GLU B 390 2.86 -4.27 19.72
C GLU B 390 4.13 -5.05 19.45
N ILE B 391 4.29 -6.19 20.08
CA ILE B 391 5.51 -6.99 19.93
C ILE B 391 5.65 -7.52 18.50
N LEU B 392 4.56 -8.05 17.95
CA LEU B 392 4.57 -8.62 16.60
C LEU B 392 4.86 -7.53 15.56
N ALA B 393 4.25 -6.36 15.75
CA ALA B 393 4.53 -5.18 14.91
C ALA B 393 6.01 -4.86 14.88
N THR B 394 6.66 -4.93 16.03
CA THR B 394 8.09 -4.67 16.14
C THR B 394 8.87 -5.70 15.38
N MET B 395 8.51 -6.98 15.56
CA MET B 395 9.19 -8.09 14.90
C MET B 395 9.05 -8.03 13.39
N LEU B 396 7.88 -7.63 12.92
CA LEU B 396 7.59 -7.50 11.51
C LEU B 396 8.41 -6.35 10.91
N GLN B 397 8.39 -5.20 11.58
CA GLN B 397 9.16 -4.03 11.15
C GLN B 397 10.68 -4.28 11.11
N ALA B 398 11.17 -5.06 12.07
CA ALA B 398 12.59 -5.44 12.12
C ALA B 398 12.95 -6.31 10.93
N ARG B 399 11.94 -6.92 10.30
CA ARG B 399 12.07 -7.74 9.10
C ARG B 399 11.77 -6.96 7.81
N GLY B 400 11.69 -5.63 7.92
CA GLY B 400 11.55 -4.79 6.73
C GLY B 400 10.12 -4.53 6.25
N ARG B 401 9.14 -4.87 7.08
CA ARG B 401 7.75 -4.60 6.73
C ARG B 401 7.15 -3.38 7.40
N LYS B 402 6.57 -2.50 6.59
CA LYS B 402 5.74 -1.41 7.08
C LYS B 402 4.49 -2.04 7.67
N VAL B 403 4.07 -1.54 8.84
CA VAL B 403 2.91 -2.06 9.55
C VAL B 403 1.93 -0.92 9.91
N THR B 404 0.65 -1.14 9.66
CA THR B 404 -0.42 -0.34 10.25
C THR B 404 -0.95 -1.13 11.45
N LEU B 405 -0.92 -0.49 12.62
CA LEU B 405 -1.43 -1.11 13.83
C LEU B 405 -2.75 -0.47 14.23
N LEU B 406 -3.84 -1.21 14.08
CA LEU B 406 -5.18 -0.73 14.44
C LEU B 406 -5.61 -1.32 15.78
N ASP B 407 -5.17 -0.67 16.86
CA ASP B 407 -5.51 -1.09 18.21
C ASP B 407 -6.65 -0.23 18.75
N GLY B 408 -7.04 -0.50 19.99
CA GLY B 408 -8.17 0.18 20.62
C GLY B 408 -8.13 1.69 20.51
N ASP B 409 -7.00 2.26 20.88
CA ASP B 409 -6.81 3.71 20.90
C ASP B 409 -6.87 4.36 19.51
N VAL B 410 -6.19 3.76 18.53
CA VAL B 410 -6.20 4.25 17.16
C VAL B 410 -7.61 4.23 16.59
N VAL B 411 -8.28 3.09 16.77
CA VAL B 411 -9.61 2.89 16.24
C VAL B 411 -10.58 3.84 16.92
N ARG B 412 -10.53 3.93 18.25
CA ARG B 412 -11.45 4.81 18.95
C ARG B 412 -11.21 6.29 18.61
N THR B 413 -9.97 6.65 18.31
CA THR B 413 -9.62 8.02 17.91
C THR B 413 -10.10 8.36 16.49
N HIS B 414 -9.73 7.52 15.52
CA HIS B 414 -9.90 7.83 14.10
C HIS B 414 -11.11 7.20 13.45
N LEU B 415 -11.57 6.08 13.99
CA LEU B 415 -12.63 5.33 13.30
C LEU B 415 -13.96 5.26 14.05
N SER B 416 -13.90 5.16 15.39
CA SER B 416 -15.09 4.84 16.19
C SER B 416 -16.01 5.99 16.56
N ARG B 417 -15.51 7.23 16.51
CA ARG B 417 -16.29 8.40 16.94
C ARG B 417 -17.57 8.51 16.14
N GLY B 418 -18.67 8.77 16.83
CA GLY B 418 -19.98 8.83 16.21
C GLY B 418 -20.76 7.53 16.35
N LEU B 419 -20.06 6.43 16.62
CA LEU B 419 -20.73 5.16 16.88
C LEU B 419 -21.07 5.01 18.35
N GLY B 420 -22.22 4.40 18.64
CA GLY B 420 -22.62 4.07 20.01
C GLY B 420 -22.01 2.76 20.47
N PHE B 421 -22.75 2.07 21.33
CA PHE B 421 -22.29 0.83 21.98
C PHE B 421 -23.37 -0.28 21.91
N SER B 422 -24.31 -0.14 20.98
CA SER B 422 -25.25 -1.21 20.67
C SER B 422 -24.51 -2.36 19.97
N LYS B 423 -25.16 -3.52 19.87
CA LYS B 423 -24.57 -4.64 19.14
C LYS B 423 -24.27 -4.24 17.68
N GLU B 424 -25.26 -3.62 17.04
CA GLU B 424 -25.14 -3.13 15.66
C GLU B 424 -23.96 -2.18 15.48
N ASP B 425 -23.88 -1.16 16.33
CA ASP B 425 -22.79 -0.19 16.29
C ASP B 425 -21.42 -0.85 16.48
N ARG B 426 -21.39 -1.89 17.30
CA ARG B 426 -20.17 -2.66 17.52
C ARG B 426 -19.81 -3.55 16.33
N ILE B 427 -20.81 -4.07 15.62
CA ILE B 427 -20.60 -4.80 14.37
C ILE B 427 -20.13 -3.83 13.27
N THR B 428 -20.82 -2.69 13.16
CA THR B 428 -20.36 -1.59 12.30
C THR B 428 -18.88 -1.28 12.52
N ASN B 429 -18.50 -1.06 13.77
CA ASN B 429 -17.11 -0.79 14.13
C ASN B 429 -16.13 -1.87 13.64
N ILE B 430 -16.44 -3.14 13.92
CA ILE B 430 -15.62 -4.25 13.42
C ILE B 430 -15.50 -4.20 11.89
N LEU B 431 -16.64 -4.11 11.20
CA LEU B 431 -16.66 -3.99 9.73
C LEU B 431 -15.89 -2.79 9.16
N ARG B 432 -15.90 -1.67 9.89
CA ARG B 432 -15.14 -0.46 9.53
C ARG B 432 -13.65 -0.73 9.58
N VAL B 433 -13.19 -1.28 10.70
CA VAL B 433 -11.78 -1.64 10.89
C VAL B 433 -11.35 -2.64 9.80
N GLY B 434 -12.24 -3.58 9.50
CA GLY B 434 -12.03 -4.58 8.46
C GLY B 434 -11.89 -4.04 7.06
N PHE B 435 -12.72 -3.05 6.71
CA PHE B 435 -12.65 -2.37 5.40
C PHE B 435 -11.29 -1.71 5.22
N VAL B 436 -10.88 -0.95 6.23
CA VAL B 436 -9.57 -0.28 6.22
C VAL B 436 -8.42 -1.30 6.11
N ALA B 437 -8.48 -2.37 6.91
CA ALA B 437 -7.47 -3.42 6.88
C ALA B 437 -7.41 -4.08 5.50
N SER B 438 -8.57 -4.24 4.87
CA SER B 438 -8.63 -4.92 3.58
C SER B 438 -8.08 -4.06 2.44
N GLU B 439 -8.22 -2.75 2.58
CA GLU B 439 -7.60 -1.83 1.63
C GLU B 439 -6.07 -1.77 1.76
N ILE B 440 -5.57 -1.87 2.99
CA ILE B 440 -4.12 -1.92 3.21
C ILE B 440 -3.50 -3.23 2.67
N VAL B 441 -4.20 -4.34 2.85
CA VAL B 441 -3.77 -5.64 2.33
C VAL B 441 -3.74 -5.62 0.79
N LYS B 442 -4.73 -4.95 0.20
CA LYS B 442 -4.79 -4.73 -1.25
C LYS B 442 -3.50 -4.13 -1.81
N HIS B 443 -2.85 -3.28 -1.02
CA HIS B 443 -1.64 -2.56 -1.46
C HIS B 443 -0.36 -3.25 -0.97
N ASN B 444 -0.51 -4.50 -0.55
CA ASN B 444 0.57 -5.35 -0.03
C ASN B 444 1.15 -4.90 1.33
N GLY B 445 0.30 -4.20 2.09
CA GLY B 445 0.67 -3.76 3.43
C GLY B 445 0.37 -4.81 4.48
N VAL B 446 1.05 -4.68 5.62
CA VAL B 446 0.74 -5.51 6.79
C VAL B 446 -0.12 -4.70 7.74
N VAL B 447 -1.25 -5.27 8.14
CA VAL B 447 -2.11 -4.68 9.16
C VAL B 447 -2.22 -5.62 10.33
N ILE B 448 -2.15 -5.05 11.51
CA ILE B 448 -2.44 -5.78 12.73
C ILE B 448 -3.60 -5.06 13.42
N CYS B 449 -4.63 -5.83 13.72
CA CYS B 449 -5.81 -5.29 14.36
C CYS B 449 -5.94 -5.95 15.71
N ALA B 450 -6.10 -5.15 16.76
CA ALA B 450 -6.26 -5.72 18.10
C ALA B 450 -7.55 -5.24 18.75
N LEU B 451 -8.65 -5.93 18.47
CA LEU B 451 -9.94 -5.56 19.04
C LEU B 451 -10.54 -6.80 19.66
N VAL B 452 -11.36 -6.60 20.70
CA VAL B 452 -12.06 -7.73 21.30
C VAL B 452 -12.87 -8.45 20.23
N SER B 453 -13.46 -7.64 19.32
CA SER B 453 -14.29 -8.11 18.21
C SER B 453 -15.02 -9.42 18.57
N PRO B 454 -16.04 -9.32 19.45
CA PRO B 454 -16.66 -10.51 20.02
C PRO B 454 -17.53 -11.32 19.06
N TYR B 455 -18.06 -10.68 18.03
CA TYR B 455 -19.06 -11.31 17.15
C TYR B 455 -18.42 -12.06 15.97
N ARG B 456 -18.69 -13.35 15.91
CA ARG B 456 -18.05 -14.25 14.95
C ARG B 456 -18.39 -13.92 13.50
N SER B 457 -19.66 -13.62 13.24
CA SER B 457 -20.12 -13.28 11.88
C SER B 457 -19.48 -11.99 11.37
N ALA B 458 -19.39 -10.98 12.23
CA ALA B 458 -18.74 -9.73 11.87
C ALA B 458 -17.29 -9.97 11.43
N ARG B 459 -16.58 -10.80 12.18
CA ARG B 459 -15.22 -11.23 11.83
C ARG B 459 -15.15 -12.06 10.56
N ASN B 460 -16.09 -12.98 10.38
CA ASN B 460 -16.20 -13.75 9.14
C ASN B 460 -16.37 -12.83 7.93
N GLN B 461 -17.29 -11.87 8.07
CA GLN B 461 -17.47 -10.78 7.10
C GLN B 461 -16.16 -10.10 6.71
N VAL B 462 -15.30 -9.81 7.69
CA VAL B 462 -14.01 -9.18 7.42
C VAL B 462 -13.07 -10.12 6.65
N ARG B 463 -13.08 -11.40 7.02
CA ARG B 463 -12.35 -12.43 6.27
C ARG B 463 -12.78 -12.44 4.80
N ASN B 464 -14.08 -12.27 4.55
CA ASN B 464 -14.63 -12.22 3.20
C ASN B 464 -14.29 -10.96 2.38
N MET B 465 -13.68 -9.97 3.04
CA MET B 465 -13.29 -8.72 2.38
C MET B 465 -11.93 -8.81 1.73
N MET B 466 -11.17 -9.84 2.09
CA MET B 466 -9.78 -9.99 1.67
C MET B 466 -9.59 -11.26 0.88
N GLU B 467 -8.55 -11.29 0.06
CA GLU B 467 -8.20 -12.49 -0.71
C GLU B 467 -7.98 -13.65 0.25
N GLU B 468 -8.33 -14.84 -0.20
CA GLU B 468 -8.19 -16.02 0.63
C GLU B 468 -6.73 -16.24 1.06
N GLY B 469 -6.54 -16.61 2.32
CA GLY B 469 -5.19 -16.76 2.89
C GLY B 469 -4.54 -15.49 3.46
N LYS B 470 -5.15 -14.32 3.25
CA LYS B 470 -4.57 -13.05 3.72
C LYS B 470 -5.15 -12.54 5.04
N PHE B 471 -6.08 -13.29 5.60
CA PHE B 471 -6.67 -12.97 6.90
C PHE B 471 -6.17 -13.95 7.96
N ILE B 472 -5.20 -13.51 8.74
CA ILE B 472 -4.67 -14.34 9.83
C ILE B 472 -5.41 -14.02 11.14
N GLU B 473 -6.47 -14.79 11.38
CA GLU B 473 -7.25 -14.67 12.61
C GLU B 473 -6.50 -15.30 13.80
N VAL B 474 -6.18 -14.49 14.80
CA VAL B 474 -5.51 -14.99 15.99
C VAL B 474 -6.44 -15.00 17.20
N PHE B 475 -6.67 -16.18 17.74
CA PHE B 475 -7.42 -16.37 18.97
C PHE B 475 -6.50 -16.27 20.17
N VAL B 476 -6.56 -15.11 20.82
CA VAL B 476 -5.82 -14.82 22.05
C VAL B 476 -6.66 -15.31 23.23
N ASP B 477 -6.36 -16.52 23.69
CA ASP B 477 -7.20 -17.21 24.65
C ASP B 477 -6.77 -16.92 26.08
N ALA B 478 -7.72 -16.50 26.90
CA ALA B 478 -7.49 -16.24 28.31
C ALA B 478 -8.71 -16.69 29.11
N PRO B 479 -8.55 -16.88 30.44
CA PRO B 479 -9.71 -17.18 31.30
C PRO B 479 -10.67 -16.00 31.35
N VAL B 480 -11.90 -16.24 31.78
CA VAL B 480 -12.90 -15.17 32.01
C VAL B 480 -12.40 -14.26 33.11
N GLU B 481 -12.73 -12.98 33.00
CA GLU B 481 -12.37 -11.96 33.99
C GLU B 481 -10.92 -12.10 34.48
N VAL B 482 -9.96 -12.11 33.55
CA VAL B 482 -8.53 -12.12 33.92
C VAL B 482 -7.97 -10.77 34.32
N CYS B 483 -8.70 -9.68 34.09
CA CYS B 483 -8.14 -8.33 34.22
C CYS B 483 -7.44 -8.13 35.56
N GLU B 484 -8.15 -8.39 36.64
CA GLU B 484 -7.65 -8.18 38.01
C GLU B 484 -6.43 -9.05 38.28
N GLU B 485 -6.52 -10.33 37.90
CA GLU B 485 -5.38 -11.26 38.00
C GLU B 485 -4.13 -10.65 37.35
N ARG B 486 -4.33 -10.01 36.21
CA ARG B 486 -3.25 -9.36 35.45
C ARG B 486 -3.06 -7.89 35.87
N ASP B 487 -3.54 -7.57 37.08
CA ASP B 487 -3.36 -6.26 37.72
C ASP B 487 -4.04 -5.09 36.96
N VAL B 488 -5.15 -5.40 36.29
CA VAL B 488 -5.99 -4.38 35.69
C VAL B 488 -7.28 -4.29 36.52
N LYS B 489 -7.36 -3.27 37.37
CA LYS B 489 -8.51 -3.11 38.27
C LYS B 489 -9.08 -1.69 38.29
N GLY B 490 -10.16 -1.51 39.06
CA GLY B 490 -10.85 -0.22 39.14
C GLY B 490 -11.30 0.29 37.80
N LEU B 491 -10.93 1.53 37.48
CA LEU B 491 -11.29 2.22 36.23
C LEU B 491 -10.59 1.70 34.98
N TYR B 492 -9.41 1.11 35.16
CA TYR B 492 -8.68 0.48 34.06
C TYR B 492 -9.41 -0.77 33.56
N LYS B 493 -9.93 -1.56 34.49
CA LYS B 493 -10.77 -2.72 34.15
C LYS B 493 -12.08 -2.24 33.49
N LYS B 494 -12.70 -1.21 34.07
CA LYS B 494 -13.92 -0.60 33.50
C LYS B 494 -13.66 -0.18 32.05
N ALA B 495 -12.54 0.49 31.81
CA ALA B 495 -12.12 0.84 30.45
C ALA B 495 -11.99 -0.38 29.51
N LYS B 496 -11.40 -1.46 30.00
CA LYS B 496 -11.23 -2.70 29.24
C LYS B 496 -12.54 -3.43 28.93
N GLU B 497 -13.40 -3.56 29.95
CA GLU B 497 -14.71 -4.23 29.83
C GLU B 497 -15.69 -3.54 28.92
N GLY B 498 -15.62 -2.21 28.85
CA GLY B 498 -16.64 -1.44 28.12
C GLY B 498 -17.85 -1.06 28.96
N LEU B 499 -18.72 -0.22 28.36
CA LEU B 499 -19.84 0.42 29.06
C LEU B 499 -20.86 -0.54 29.68
N ILE B 500 -21.40 -1.43 28.86
CA ILE B 500 -22.45 -2.38 29.29
C ILE B 500 -21.97 -3.25 30.46
N LYS B 501 -20.85 -3.92 30.25
CA LYS B 501 -20.23 -4.80 31.24
C LYS B 501 -19.80 -4.04 32.51
N GLY B 502 -19.10 -2.91 32.33
CA GLY B 502 -18.71 -2.02 33.43
C GLY B 502 -19.83 -1.58 34.36
N PHE B 503 -20.99 -1.25 33.79
CA PHE B 503 -22.16 -0.77 34.56
C PHE B 503 -23.19 -1.82 35.00
N THR B 504 -23.32 -2.92 34.26
CA THR B 504 -24.32 -3.97 34.57
C THR B 504 -23.71 -5.26 35.12
N GLY B 505 -22.44 -5.51 34.79
CA GLY B 505 -21.76 -6.73 35.18
C GLY B 505 -21.98 -7.89 34.22
N VAL B 506 -22.66 -7.61 33.11
CA VAL B 506 -23.02 -8.60 32.10
C VAL B 506 -22.84 -7.99 30.70
N ASP B 507 -22.46 -8.84 29.73
CA ASP B 507 -22.36 -8.43 28.32
C ASP B 507 -22.75 -9.60 27.44
N ASP B 508 -22.85 -9.35 26.13
CA ASP B 508 -22.98 -10.42 25.14
C ASP B 508 -21.79 -11.36 25.30
N PRO B 509 -22.02 -12.67 25.07
CA PRO B 509 -20.89 -13.58 25.23
C PRO B 509 -19.83 -13.39 24.13
N TYR B 510 -18.57 -13.58 24.46
CA TYR B 510 -17.52 -13.61 23.46
C TYR B 510 -17.71 -14.87 22.57
N GLU B 511 -17.67 -14.69 21.26
CA GLU B 511 -17.79 -15.82 20.32
C GLU B 511 -16.41 -16.08 19.72
N PRO B 512 -15.75 -17.17 20.15
CA PRO B 512 -14.38 -17.45 19.73
C PRO B 512 -14.27 -17.86 18.26
N PRO B 513 -13.13 -17.53 17.60
CA PRO B 513 -12.87 -18.03 16.27
C PRO B 513 -12.97 -19.56 16.23
N VAL B 514 -13.86 -20.04 15.39
CA VAL B 514 -14.14 -21.47 15.28
C VAL B 514 -12.94 -22.24 14.74
N ALA B 515 -12.22 -21.61 13.80
CA ALA B 515 -11.01 -22.16 13.23
C ALA B 515 -10.07 -21.02 12.88
N PRO B 516 -9.34 -20.49 13.89
CA PRO B 516 -8.40 -19.43 13.61
C PRO B 516 -7.09 -20.00 13.06
N GLU B 517 -6.34 -19.15 12.38
CA GLU B 517 -5.03 -19.51 11.86
C GLU B 517 -4.08 -19.84 13.01
N VAL B 518 -4.08 -18.97 14.02
CA VAL B 518 -3.27 -19.16 15.23
C VAL B 518 -4.15 -19.17 16.48
N ARG B 519 -3.87 -20.12 17.35
CA ARG B 519 -4.46 -20.14 18.67
C ARG B 519 -3.34 -19.97 19.67
N VAL B 520 -3.55 -19.08 20.63
CA VAL B 520 -2.53 -18.72 21.58
C VAL B 520 -3.10 -18.77 23.01
N ASP B 521 -2.62 -19.74 23.79
CA ASP B 521 -3.08 -19.95 25.16
C ASP B 521 -2.24 -19.13 26.12
N THR B 522 -2.75 -17.96 26.49
CA THR B 522 -1.97 -16.94 27.21
C THR B 522 -1.64 -17.27 28.67
N THR B 523 -2.24 -18.31 29.22
CA THR B 523 -1.87 -18.80 30.55
C THR B 523 -0.61 -19.65 30.47
N LYS B 524 -0.22 -20.00 29.25
CA LYS B 524 0.92 -20.89 29.02
C LYS B 524 2.07 -20.19 28.31
N LEU B 525 1.74 -19.21 27.46
CA LEU B 525 2.73 -18.44 26.71
C LEU B 525 2.82 -17.00 27.20
N THR B 526 4.06 -16.49 27.30
CA THR B 526 4.30 -15.05 27.52
C THR B 526 3.90 -14.33 26.24
N PRO B 527 3.53 -13.02 26.33
CA PRO B 527 3.12 -12.33 25.10
C PRO B 527 4.16 -12.38 23.98
N GLU B 528 5.44 -12.38 24.34
CA GLU B 528 6.53 -12.58 23.39
C GLU B 528 6.45 -13.96 22.72
N GLU B 529 6.17 -15.00 23.50
CA GLU B 529 6.05 -16.37 22.96
C GLU B 529 4.84 -16.46 22.03
N SER B 530 3.71 -15.84 22.45
CA SER B 530 2.52 -15.72 21.61
C SER B 530 2.83 -15.03 20.30
N ALA B 531 3.54 -13.91 20.36
CA ALA B 531 3.98 -13.18 19.17
C ALA B 531 4.89 -14.03 18.27
N LEU B 532 5.81 -14.76 18.89
CA LEU B 532 6.71 -15.66 18.18
C LEU B 532 5.96 -16.79 17.50
N LYS B 533 4.84 -17.20 18.10
CA LYS B 533 4.00 -18.23 17.54
C LYS B 533 3.30 -17.75 16.26
N ILE B 534 2.81 -16.51 16.29
CA ILE B 534 2.20 -15.92 15.10
C ILE B 534 3.24 -15.78 13.99
N LEU B 535 4.43 -15.31 14.35
CA LEU B 535 5.59 -15.26 13.45
C LEU B 535 5.92 -16.60 12.78
N GLU B 536 5.99 -17.67 13.56
CA GLU B 536 6.30 -19.00 12.98
C GLU B 536 5.21 -19.44 12.00
N PHE B 537 3.96 -19.10 12.27
CA PHE B 537 2.90 -19.35 11.30
C PHE B 537 3.14 -18.56 10.01
N LEU B 538 3.58 -17.31 10.16
CA LEU B 538 3.78 -16.45 9.01
C LEU B 538 4.93 -16.94 8.12
N LYS B 539 6.00 -17.46 8.73
CA LYS B 539 7.09 -18.12 7.99
C LYS B 539 6.62 -19.42 7.32
N LYS B 540 5.80 -20.19 8.03
CA LYS B 540 5.24 -21.45 7.56
C LYS B 540 4.48 -21.26 6.25
N GLU B 541 3.67 -20.19 6.20
CA GLU B 541 2.87 -19.91 5.01
C GLU B 541 3.68 -19.21 3.92
N GLY B 542 4.84 -18.67 4.31
CA GLY B 542 5.72 -17.99 3.38
C GLY B 542 5.59 -16.48 3.40
N PHE B 543 4.78 -15.94 4.30
CA PHE B 543 4.62 -14.48 4.41
C PHE B 543 5.91 -13.78 4.86
N ILE B 544 6.75 -14.50 5.60
CA ILE B 544 8.11 -14.06 5.92
C ILE B 544 9.15 -15.13 5.58
N LYS B 545 10.07 -14.77 4.68
CA LYS B 545 11.34 -15.47 4.50
C LYS B 545 12.36 -14.72 5.35
N ASP B 546 13.00 -15.43 6.29
CA ASP B 546 14.01 -14.77 7.15
C ASP B 546 15.17 -15.69 7.51
PB ADP C . -19.73 15.49 -6.98
O1B ADP C . -18.68 16.58 -7.02
O2B ADP C . -19.18 14.10 -6.77
O3B ADP C . -20.90 15.81 -6.08
PA ADP C . -20.61 14.16 -9.37
O1A ADP C . -19.30 13.68 -9.97
O2A ADP C . -21.50 13.22 -8.63
O3A ADP C . -20.30 15.48 -8.48
O5' ADP C . -21.39 14.82 -10.63
C5' ADP C . -22.80 15.00 -10.70
C4' ADP C . -23.23 15.01 -12.18
O4' ADP C . -22.67 16.14 -12.89
C3' ADP C . -22.74 13.76 -12.91
O3' ADP C . -23.87 13.07 -13.48
C2' ADP C . -21.78 14.28 -13.96
O2' ADP C . -21.77 13.47 -15.14
C1' ADP C . -22.33 15.67 -14.20
N9 ADP C . -21.46 16.57 -15.03
C8 ADP C . -21.86 17.10 -16.21
N7 ADP C . -20.91 17.87 -16.77
C5 ADP C . -19.85 17.88 -15.94
C6 ADP C . -18.50 18.50 -15.93
N6 ADP C . -18.10 19.30 -16.95
N1 ADP C . -17.68 18.24 -14.87
C2 ADP C . -18.07 17.44 -13.86
N3 ADP C . -19.29 16.84 -13.81
C4 ADP C . -20.21 17.01 -14.79
PB ADP D . 26.15 12.50 13.64
O1B ADP D . 25.92 11.82 14.95
O2B ADP D . 25.02 13.38 13.19
O3B ADP D . 27.52 13.14 13.50
PA ADP D . 26.37 11.08 11.10
O1A ADP D . 25.78 9.77 10.64
O2A ADP D . 25.92 12.38 10.51
O3A ADP D . 26.11 11.18 12.70
O5' ADP D . 27.97 10.94 11.04
C5' ADP D . 28.62 9.92 11.80
C4' ADP D . 30.10 10.25 12.06
O4' ADP D . 30.85 10.14 10.84
C3' ADP D . 30.32 11.67 12.58
O3' ADP D . 31.49 11.70 13.40
C2' ADP D . 30.58 12.46 11.31
O2' ADP D . 31.29 13.66 11.61
C1' ADP D . 31.37 11.44 10.49
N9 ADP D . 31.28 11.59 9.02
C8 ADP D . 30.20 11.36 8.24
N7 ADP D . 30.49 11.59 6.93
C5 ADP D . 31.79 11.97 6.87
C6 ADP D . 32.77 12.36 5.81
N6 ADP D . 32.40 12.40 4.50
N1 ADP D . 34.03 12.67 6.19
C2 ADP D . 34.44 12.65 7.48
N3 ADP D . 33.61 12.32 8.49
C4 ADP D . 32.31 11.96 8.25
PB ADP E . -8.55 -18.68 -25.95
O1B ADP E . -8.50 -17.29 -26.52
O2B ADP E . -9.72 -18.96 -25.04
O3B ADP E . -8.39 -19.76 -27.00
PA ADP E . -5.80 -18.19 -25.12
O1A ADP E . -5.79 -16.72 -24.76
O2A ADP E . -4.84 -19.11 -24.40
O3A ADP E . -7.30 -18.80 -24.92
O5' ADP E . -5.64 -18.35 -26.71
C5' ADP E . -4.46 -18.06 -27.45
C4' ADP E . -4.61 -18.59 -28.89
O4' ADP E . -3.40 -19.27 -29.24
C3' ADP E . -5.72 -19.62 -29.08
O3' ADP E . -6.13 -19.59 -30.45
C2' ADP E . -5.03 -20.95 -28.79
O2' ADP E . -5.64 -22.04 -29.47
C1' ADP E . -3.60 -20.69 -29.25
N9 ADP E . -2.55 -21.29 -28.38
C8 ADP E . -2.26 -20.94 -27.11
N7 ADP E . -1.24 -21.68 -26.61
C5 ADP E . -0.85 -22.52 -27.59
C6 ADP E . 0.19 -23.57 -27.75
N6 ADP E . 1.03 -23.88 -26.73
N1 ADP E . 0.27 -24.22 -28.94
C2 ADP E . -0.56 -23.92 -29.97
N3 ADP E . -1.53 -22.98 -29.89
C4 ADP E . -1.71 -22.25 -28.76
PB ADP F . -6.00 -6.53 25.75
O1B ADP F . -6.47 -7.88 25.29
O2B ADP F . -5.36 -5.67 24.70
O3B ADP F . -7.07 -5.84 26.57
PA ADP F . -3.43 -6.02 27.05
O1A ADP F . -2.37 -6.46 26.09
O2A ADP F . -3.74 -4.56 27.19
O3A ADP F . -4.79 -6.88 26.77
O5' ADP F . -3.02 -6.65 28.47
C5' ADP F . -3.59 -6.23 29.71
C4' ADP F . -2.51 -6.31 30.80
O4' ADP F . -2.24 -7.69 31.05
C3' ADP F . -1.19 -5.67 30.37
O3' ADP F . -0.67 -4.94 31.49
C2' ADP F . -0.28 -6.84 30.06
O2' ADP F . 1.08 -6.61 30.41
C1' ADP F . -0.84 -7.95 30.93
N9 ADP F . -0.72 -9.26 30.27
C8 ADP F . -1.03 -9.55 28.99
N7 ADP F . -0.82 -10.86 28.73
C5 ADP F . -0.39 -11.43 29.87
C6 ADP F . 0.02 -12.78 30.29
N6 ADP F . 0.00 -13.82 29.42
N1 ADP F . 0.43 -12.94 31.58
C2 ADP F . 0.45 -11.92 32.47
N3 ADP F . 0.10 -10.66 32.15
C4 ADP F . -0.33 -10.37 30.88
#